data_3PS6
#
_entry.id   3PS6
#
_cell.length_a   144.044
_cell.length_b   67.488
_cell.length_c   106.638
_cell.angle_alpha   90.00
_cell.angle_beta   95.50
_cell.angle_gamma   90.00
#
_symmetry.space_group_name_H-M   'C 1 2 1'
#
loop_
_entity.id
_entity.type
_entity.pdbx_description
1 polymer 'Phosphatidylinositol-4,5-bisphosphate 3-kinase catalytic subunit gamma isoform'
2 non-polymer 4-amino-N-(6-methoxypyridin-3-yl)-2-methylquinazoline-8-carboxamide
#
_entity_poly.entity_id   1
_entity_poly.type   'polypeptide(L)'
_entity_poly.pdbx_seq_one_letter_code
;MSEESQAFQRQLTALIGYDVTDVSNVHDDELEFTRRGLVTPRMAEVASRDPKLYAMHPWVTSKPLPEYLWKKIANNCIFI
VIHRSTTSQTIKVSPDDTPGAILQSFFTKMAKKKSLMDIPESQSEQDFVLRVCGRDEYLVGETPIKNFQWVRHCLKNGEE
IHVVLDTPPDPALDEVRKEEWPLVDDCTGVTGYHEQLTIHGKDHESVFTVSLWDCDRKFRVKIRGIDIPVLPRNTDLTVF
VEANIQHGQQVLCQRRTSPKPFTEEVLWNVWLEFSIKIKDLPKGALLNLQIYCGKAPALSSKASAESPSSESKGKVQLLY
YVNLLLIDHRFLLRRGEYVLHMWQISGKGEDQGSFNADKLTSATNPDKENSMSISILLDNYCHPIALPKHQPTPDPEGDR
VRAEMPNQLRKQLEAIIATDPLNPLTAEDKELLWHFRYESLKHPKAYPKLFSSVKWGQQEIVAKTYQLLARREVWDQSAL
DVGLTMQLLDCNFSDENVRAIAVQKLESLEDDDVLHYLLQLVQAVKFEPYHDSALARFLLKRGLRNKRIGHFLFWFLRSE
IAQSRHYQQRFAVILEAYLRGCGTAMLHDFTQQVQVIEMLQKVTLDIKSLSAEKYDVSSQVISQLKQKLENLQNSQLPES
FRVPYDPGLKAGALAIEKCKVMASKKKPLWLEFKCADPTALSNETIGIIFKHGDDLRQDMLILQILRIMESIWETESLDL
CLLPYGCISTGDKIGMIEIVKDATTIAKIQQSTVGNTGAFKDEVLNHWLKEKSPTEEKFQAAVERFVYSCAGYCVATFVL
GIGDRHNDNIMITETGNLFHIDFGHILGNYKSFLGINKERVPFVLTPDFLFVMGTSGKKTSPHFQKFQDICVKAYLALRH
HTNLLIILFSMMLMTGMPQLTSKEDIEYIRDALTVGKNEEDAKKYFLDQIEVCRDKGWTVQFNWFLHLVLGIKQGEKHSA
HHHHHH
;
_entity_poly.pdbx_strand_id   A
#
loop_
_chem_comp.id
_chem_comp.type
_chem_comp.name
_chem_comp.formula
3PS non-polymer 4-amino-N-(6-methoxypyridin-3-yl)-2-methylquinazoline-8-carboxamide 'C16 H15 N5 O2'
#
# COMPACT_ATOMS: atom_id res chain seq x y z
N SER A 2 4.16 37.68 2.08
CA SER A 2 2.85 38.23 2.42
C SER A 2 2.45 37.87 3.86
N GLU A 3 1.13 37.98 4.19
CA GLU A 3 0.51 37.61 5.47
C GLU A 3 -0.54 36.54 5.18
N GLU A 4 -1.28 36.68 4.06
CA GLU A 4 -2.27 35.69 3.64
C GLU A 4 -1.56 34.32 3.49
N SER A 5 -0.27 34.36 3.08
CA SER A 5 0.65 33.22 2.95
C SER A 5 1.26 32.79 4.31
N GLN A 6 1.02 33.57 5.38
CA GLN A 6 1.48 33.27 6.75
C GLN A 6 0.38 32.53 7.49
N ALA A 7 -0.89 32.82 7.11
CA ALA A 7 -2.09 32.17 7.64
C ALA A 7 -2.28 30.84 6.92
N PHE A 8 -1.84 30.79 5.64
CA PHE A 8 -1.87 29.65 4.74
C PHE A 8 -1.05 28.49 5.25
N GLN A 9 0.18 28.76 5.75
CA GLN A 9 1.07 27.75 6.31
C GLN A 9 0.44 27.08 7.54
N ARG A 10 -0.37 27.84 8.31
CA ARG A 10 -1.08 27.29 9.47
C ARG A 10 -2.18 26.32 9.03
N GLN A 11 -2.81 26.56 7.83
CA GLN A 11 -3.84 25.69 7.27
C GLN A 11 -3.21 24.34 6.93
N LEU A 12 -2.16 24.36 6.07
CA LEU A 12 -1.37 23.19 5.64
C LEU A 12 -0.89 22.35 6.81
N THR A 13 -0.32 22.99 7.86
CA THR A 13 0.16 22.32 9.07
C THR A 13 -0.96 21.50 9.74
N ALA A 14 -2.17 22.07 9.82
CA ALA A 14 -3.33 21.38 10.39
C ALA A 14 -3.89 20.31 9.43
N LEU A 15 -3.54 20.42 8.13
CA LEU A 15 -3.91 19.47 7.08
C LEU A 15 -2.93 18.30 7.07
N ILE A 16 -1.62 18.60 7.13
CA ILE A 16 -0.51 17.65 7.13
C ILE A 16 -0.54 16.85 8.45
N GLY A 17 -0.85 17.54 9.54
CA GLY A 17 -0.87 16.96 10.88
C GLY A 17 0.52 17.03 11.48
N TYR A 18 1.41 17.81 10.82
CA TYR A 18 2.79 18.02 11.19
C TYR A 18 3.28 19.39 10.74
N ASP A 19 4.03 20.05 11.62
CA ASP A 19 4.62 21.36 11.38
C ASP A 19 5.97 21.21 10.71
N VAL A 20 6.01 21.39 9.38
CA VAL A 20 7.21 21.25 8.56
C VAL A 20 8.25 22.34 8.84
N THR A 21 7.86 23.63 8.67
CA THR A 21 8.65 24.86 8.86
C THR A 21 9.54 24.77 10.09
N ASP A 22 9.06 24.02 11.13
CA ASP A 22 9.75 23.69 12.38
C ASP A 22 11.17 23.18 12.07
N VAL A 23 12.12 23.45 12.98
CA VAL A 23 13.52 23.05 12.82
C VAL A 23 14.11 22.48 14.17
N SER A 24 13.23 22.07 15.11
CA SER A 24 13.64 21.53 16.43
C SER A 24 14.29 20.13 16.39
N ASN A 25 14.03 19.35 15.32
CA ASN A 25 14.56 17.99 15.18
C ASN A 25 15.32 17.76 13.87
N VAL A 26 16.18 18.72 13.52
CA VAL A 26 16.99 18.69 12.32
C VAL A 26 18.44 19.05 12.67
N HIS A 27 19.40 18.49 11.92
CA HIS A 27 20.83 18.78 12.10
C HIS A 27 21.48 19.26 10.78
N ASP A 28 20.63 19.63 9.79
CA ASP A 28 21.03 20.10 8.45
C ASP A 28 19.82 20.63 7.66
N ASP A 29 20.08 21.35 6.57
CA ASP A 29 19.03 21.91 5.74
C ASP A 29 18.50 20.95 4.65
N GLU A 30 18.53 19.61 4.86
CA GLU A 30 18.06 18.66 3.85
C GLU A 30 16.57 18.81 3.55
N LEU A 31 15.74 18.86 4.60
CA LEU A 31 14.28 18.99 4.47
C LEU A 31 13.91 20.31 3.81
N GLU A 32 14.52 21.43 4.26
CA GLU A 32 14.33 22.77 3.70
C GLU A 32 14.79 22.78 2.25
N PHE A 33 15.93 22.12 1.99
CA PHE A 33 16.53 21.94 0.67
C PHE A 33 15.54 21.22 -0.25
N THR A 34 14.87 20.16 0.27
CA THR A 34 13.87 19.37 -0.46
C THR A 34 12.60 20.16 -0.73
N ARG A 35 12.07 20.87 0.30
CA ARG A 35 10.87 21.71 0.18
C ARG A 35 11.07 22.67 -0.99
N ARG A 36 12.26 23.34 -1.06
CA ARG A 36 12.70 24.24 -2.12
C ARG A 36 12.77 23.48 -3.45
N GLY A 37 13.50 22.36 -3.46
CA GLY A 37 13.69 21.51 -4.63
C GLY A 37 12.40 21.09 -5.30
N LEU A 38 11.36 20.77 -4.50
CA LEU A 38 10.05 20.33 -4.97
C LEU A 38 9.18 21.39 -5.64
N VAL A 39 9.47 22.69 -5.38
CA VAL A 39 8.76 23.85 -5.94
C VAL A 39 8.73 23.77 -7.49
N THR A 40 9.87 23.43 -8.12
CA THR A 40 10.00 23.28 -9.57
C THR A 40 9.11 22.15 -10.13
N PRO A 41 9.25 20.84 -9.76
CA PRO A 41 8.35 19.83 -10.32
C PRO A 41 6.87 20.05 -10.01
N ARG A 42 6.55 20.73 -8.88
CA ARG A 42 5.19 21.10 -8.48
C ARG A 42 4.61 22.09 -9.49
N MET A 43 5.19 23.31 -9.58
CA MET A 43 4.75 24.37 -10.51
C MET A 43 4.84 23.89 -11.95
N ALA A 44 5.84 23.05 -12.28
CA ALA A 44 6.01 22.45 -13.60
C ALA A 44 4.77 21.63 -13.98
N GLU A 45 4.29 20.76 -13.07
CA GLU A 45 3.12 19.91 -13.27
C GLU A 45 1.80 20.70 -13.30
N VAL A 46 1.63 21.67 -12.38
CA VAL A 46 0.43 22.52 -12.30
C VAL A 46 0.23 23.20 -13.66
N ALA A 47 1.31 23.84 -14.16
CA ALA A 47 1.37 24.54 -15.43
C ALA A 47 1.05 23.63 -16.63
N SER A 48 1.44 22.36 -16.57
CA SER A 48 1.23 21.40 -17.66
C SER A 48 -0.12 20.67 -17.67
N ARG A 49 -0.92 20.75 -16.58
CA ARG A 49 -2.19 20.03 -16.52
C ARG A 49 -3.37 20.78 -17.14
N ASP A 50 -4.17 20.06 -17.96
CA ASP A 50 -5.38 20.58 -18.59
C ASP A 50 -6.34 20.94 -17.45
N PRO A 51 -6.77 22.21 -17.31
CA PRO A 51 -7.66 22.57 -16.19
C PRO A 51 -9.02 21.87 -16.19
N LYS A 52 -9.60 21.57 -17.38
CA LYS A 52 -10.89 20.88 -17.54
C LYS A 52 -10.76 19.40 -17.17
N LEU A 53 -9.89 18.65 -17.87
CA LEU A 53 -9.68 17.21 -17.61
C LEU A 53 -9.22 16.90 -16.19
N TYR A 54 -8.50 17.85 -15.58
CA TYR A 54 -8.09 17.76 -14.20
C TYR A 54 -9.29 18.01 -13.28
N ALA A 55 -10.23 18.90 -13.67
CA ALA A 55 -11.43 19.23 -12.87
C ALA A 55 -12.43 18.07 -12.83
N MET A 56 -12.55 17.35 -13.95
CA MET A 56 -13.49 16.23 -14.08
C MET A 56 -12.84 14.88 -13.86
N HIS A 57 -11.49 14.87 -13.72
CA HIS A 57 -10.66 13.69 -13.44
C HIS A 57 -11.30 12.39 -14.02
N PRO A 58 -11.53 12.26 -15.35
CA PRO A 58 -12.16 11.01 -15.84
C PRO A 58 -11.39 9.79 -15.38
N TRP A 59 -12.13 8.76 -14.93
CA TRP A 59 -11.50 7.54 -14.43
C TRP A 59 -11.53 6.47 -15.50
N VAL A 60 -10.56 6.56 -16.40
CA VAL A 60 -10.42 5.67 -17.55
C VAL A 60 -9.45 4.49 -17.31
N THR A 61 -9.25 3.66 -18.36
CA THR A 61 -8.40 2.46 -18.43
C THR A 61 -8.18 2.06 -19.89
N SER A 62 -6.96 1.67 -20.25
CA SER A 62 -6.64 1.25 -21.62
C SER A 62 -6.55 -0.26 -21.77
N LYS A 63 -6.73 -1.00 -20.66
CA LYS A 63 -6.70 -2.46 -20.61
C LYS A 63 -7.89 -3.02 -21.40
N PRO A 64 -7.71 -4.11 -22.19
CA PRO A 64 -8.84 -4.63 -22.98
C PRO A 64 -9.99 -5.04 -22.07
N LEU A 65 -11.23 -4.60 -22.41
CA LEU A 65 -12.43 -4.95 -21.66
C LEU A 65 -12.38 -6.48 -21.51
N PRO A 66 -12.39 -7.00 -20.26
CA PRO A 66 -12.27 -8.45 -20.06
C PRO A 66 -13.28 -9.32 -20.81
N GLU A 67 -13.04 -10.64 -20.86
CA GLU A 67 -13.91 -11.57 -21.57
C GLU A 67 -15.25 -11.73 -20.86
N TYR A 68 -15.21 -11.90 -19.53
CA TYR A 68 -16.40 -12.06 -18.69
C TYR A 68 -17.45 -10.95 -18.84
N LEU A 69 -16.99 -9.73 -19.19
CA LEU A 69 -17.86 -8.58 -19.42
C LEU A 69 -18.33 -8.48 -20.88
N TRP A 70 -17.63 -9.17 -21.80
CA TRP A 70 -18.01 -9.25 -23.22
C TRP A 70 -19.10 -10.31 -23.35
N LYS A 71 -18.93 -11.44 -22.63
CA LYS A 71 -19.88 -12.55 -22.55
C LYS A 71 -21.12 -12.10 -21.71
N LYS A 72 -21.05 -10.86 -21.19
CA LYS A 72 -22.08 -10.18 -20.39
C LYS A 72 -22.79 -9.07 -21.20
N ILE A 73 -22.57 -9.03 -22.52
CA ILE A 73 -23.21 -8.08 -23.44
C ILE A 73 -24.15 -8.84 -24.35
N ALA A 74 -25.31 -8.21 -24.66
CA ALA A 74 -26.29 -8.76 -25.58
C ALA A 74 -25.67 -8.80 -27.00
N ASN A 75 -25.53 -7.64 -27.67
CA ASN A 75 -24.98 -7.57 -29.04
C ASN A 75 -24.36 -6.21 -29.40
N ASN A 76 -23.07 -5.97 -29.03
CA ASN A 76 -22.37 -4.69 -29.32
C ASN A 76 -23.29 -3.49 -28.98
N CYS A 77 -24.17 -3.71 -27.99
CA CYS A 77 -25.18 -2.77 -27.55
C CYS A 77 -25.17 -2.71 -26.03
N ILE A 78 -24.99 -1.49 -25.51
CA ILE A 78 -24.96 -1.19 -24.09
C ILE A 78 -25.96 -0.09 -23.82
N PHE A 79 -26.84 -0.30 -22.84
CA PHE A 79 -27.84 0.70 -22.51
C PHE A 79 -27.43 1.61 -21.37
N ILE A 80 -27.57 2.92 -21.60
CA ILE A 80 -27.28 3.99 -20.65
C ILE A 80 -28.59 4.73 -20.37
N VAL A 81 -28.82 5.05 -19.10
CA VAL A 81 -30.02 5.77 -18.68
C VAL A 81 -29.65 7.24 -18.36
N ILE A 82 -30.03 8.18 -19.24
CA ILE A 82 -29.76 9.61 -19.06
C ILE A 82 -30.87 10.24 -18.23
N HIS A 83 -30.50 11.14 -17.30
CA HIS A 83 -31.42 11.82 -16.41
C HIS A 83 -31.15 13.31 -16.42
N ARG A 84 -32.22 14.10 -16.29
CA ARG A 84 -32.15 15.55 -16.24
C ARG A 84 -33.08 16.02 -15.11
N SER A 85 -34.00 16.97 -15.37
CA SER A 85 -34.99 17.54 -14.44
C SER A 85 -35.46 16.46 -13.49
N THR A 86 -36.17 15.44 -14.04
CA THR A 86 -36.73 14.24 -13.41
C THR A 86 -36.98 13.25 -14.56
N THR A 87 -36.98 13.78 -15.80
CA THR A 87 -37.18 13.04 -17.05
C THR A 87 -35.98 12.15 -17.29
N SER A 88 -36.26 10.89 -17.61
CA SER A 88 -35.22 9.90 -17.88
C SER A 88 -35.05 9.75 -19.40
N GLN A 89 -34.64 8.54 -19.86
CA GLN A 89 -34.40 8.10 -21.24
C GLN A 89 -33.32 7.03 -21.27
N THR A 90 -33.60 5.91 -21.96
CA THR A 90 -32.66 4.79 -22.11
C THR A 90 -32.21 4.72 -23.57
N ILE A 91 -30.93 5.02 -23.83
CA ILE A 91 -30.36 4.99 -25.19
C ILE A 91 -29.50 3.73 -25.41
N LYS A 92 -29.34 3.35 -26.69
CA LYS A 92 -28.50 2.25 -27.17
C LYS A 92 -27.11 2.87 -27.34
N VAL A 93 -26.04 2.10 -27.05
CA VAL A 93 -24.65 2.57 -27.16
C VAL A 93 -23.74 1.40 -27.57
N SER A 94 -22.88 1.62 -28.56
CA SER A 94 -21.91 0.61 -28.99
C SER A 94 -20.69 0.72 -28.05
N PRO A 95 -20.11 -0.42 -27.57
CA PRO A 95 -18.93 -0.35 -26.68
C PRO A 95 -17.79 0.61 -27.07
N ASP A 96 -17.82 1.13 -28.31
CA ASP A 96 -16.84 2.09 -28.82
C ASP A 96 -17.45 3.50 -28.94
N ASP A 97 -18.60 3.76 -28.25
CA ASP A 97 -19.29 5.04 -28.27
C ASP A 97 -18.64 6.09 -27.39
N THR A 98 -17.80 6.93 -28.00
CA THR A 98 -17.14 8.06 -27.34
C THR A 98 -18.16 8.93 -26.58
N PRO A 99 -17.80 9.44 -25.37
CA PRO A 99 -18.76 10.22 -24.58
C PRO A 99 -19.35 11.48 -25.21
N GLY A 100 -18.48 12.35 -25.74
CA GLY A 100 -18.87 13.59 -26.41
C GLY A 100 -19.84 13.35 -27.56
N ALA A 101 -19.60 12.25 -28.32
CA ALA A 101 -20.43 11.81 -29.44
C ALA A 101 -21.79 11.22 -28.98
N ILE A 102 -21.98 11.03 -27.65
CA ILE A 102 -23.24 10.55 -27.06
C ILE A 102 -24.19 11.76 -26.87
N LEU A 103 -23.67 12.98 -27.08
CA LEU A 103 -24.47 14.20 -27.02
C LEU A 103 -24.98 14.59 -28.40
N GLN A 104 -24.34 14.03 -29.44
CA GLN A 104 -24.71 14.18 -30.86
C GLN A 104 -25.62 13.00 -31.19
N SER A 105 -25.98 12.25 -30.14
CA SER A 105 -26.88 11.11 -30.09
C SER A 105 -27.92 11.46 -29.02
N PHE A 106 -28.18 12.77 -28.86
CA PHE A 106 -29.13 13.33 -27.90
C PHE A 106 -29.68 14.66 -28.41
N PHE A 107 -28.92 15.32 -29.31
CA PHE A 107 -29.27 16.60 -29.94
C PHE A 107 -29.56 16.32 -31.42
N THR A 108 -29.46 15.02 -31.80
CA THR A 108 -29.69 14.42 -33.11
C THR A 108 -30.63 13.21 -32.91
N LYS A 109 -30.58 12.56 -31.72
CA LYS A 109 -31.44 11.42 -31.40
C LYS A 109 -32.80 11.87 -30.87
N MET A 110 -32.96 13.17 -30.58
CA MET A 110 -34.20 13.78 -30.08
C MET A 110 -34.14 15.31 -30.22
N ASP A 127 -21.33 22.17 -24.49
CA ASP A 127 -22.17 22.94 -23.57
C ASP A 127 -22.19 22.34 -22.17
N PHE A 128 -22.61 21.06 -22.07
CA PHE A 128 -22.70 20.34 -20.80
C PHE A 128 -21.86 19.05 -20.81
N VAL A 129 -21.78 18.39 -19.64
CA VAL A 129 -21.05 17.14 -19.41
C VAL A 129 -21.98 16.07 -18.81
N LEU A 130 -21.57 14.80 -18.91
CA LEU A 130 -22.32 13.68 -18.37
C LEU A 130 -21.75 13.20 -17.02
N ARG A 131 -22.31 13.69 -15.90
CA ARG A 131 -21.89 13.24 -14.57
C ARG A 131 -22.60 11.91 -14.25
N VAL A 132 -22.26 11.27 -13.12
CA VAL A 132 -22.92 10.04 -12.68
C VAL A 132 -23.89 10.39 -11.55
N CYS A 133 -24.95 9.57 -11.41
CA CYS A 133 -25.97 9.73 -10.38
C CYS A 133 -25.43 9.30 -9.01
N GLY A 134 -25.30 10.29 -8.10
CA GLY A 134 -24.82 10.09 -6.74
C GLY A 134 -23.32 10.23 -6.52
N ARG A 135 -22.55 10.15 -7.61
CA ARG A 135 -21.09 10.20 -7.54
C ARG A 135 -20.48 11.38 -8.26
N ASP A 136 -19.28 11.81 -7.81
CA ASP A 136 -18.50 12.87 -8.44
C ASP A 136 -17.59 12.22 -9.50
N GLU A 137 -18.23 11.51 -10.43
CA GLU A 137 -17.61 10.81 -11.53
C GLU A 137 -18.23 11.33 -12.82
N TYR A 138 -17.37 11.83 -13.70
CA TYR A 138 -17.80 12.38 -14.97
C TYR A 138 -17.38 11.44 -16.08
N LEU A 139 -18.15 11.42 -17.17
CA LEU A 139 -17.87 10.55 -18.30
C LEU A 139 -17.32 11.39 -19.45
N VAL A 140 -16.39 12.30 -19.12
CA VAL A 140 -15.73 13.22 -20.05
C VAL A 140 -14.58 12.57 -20.78
N GLY A 141 -13.92 13.37 -21.61
CA GLY A 141 -12.74 12.97 -22.36
C GLY A 141 -12.99 12.11 -23.58
N GLU A 142 -11.93 11.97 -24.38
CA GLU A 142 -11.90 11.21 -25.63
C GLU A 142 -11.53 9.75 -25.43
N THR A 143 -12.47 8.97 -24.90
CA THR A 143 -12.23 7.54 -24.66
C THR A 143 -13.49 6.72 -24.96
N PRO A 144 -13.39 5.47 -25.50
CA PRO A 144 -14.62 4.68 -25.69
C PRO A 144 -15.25 4.40 -24.32
N ILE A 145 -16.58 4.52 -24.21
CA ILE A 145 -17.33 4.30 -22.96
C ILE A 145 -16.99 3.00 -22.26
N LYS A 146 -16.65 1.91 -23.03
CA LYS A 146 -16.26 0.60 -22.50
C LYS A 146 -15.02 0.74 -21.62
N ASN A 147 -14.26 1.85 -21.80
CA ASN A 147 -13.04 2.15 -21.07
C ASN A 147 -13.20 2.93 -19.75
N PHE A 148 -14.44 3.28 -19.35
CA PHE A 148 -14.64 3.97 -18.07
C PHE A 148 -14.84 2.94 -16.99
N GLN A 149 -14.15 3.11 -15.86
CA GLN A 149 -14.20 2.19 -14.71
C GLN A 149 -15.61 1.93 -14.24
N TRP A 150 -16.39 3.01 -14.08
CA TRP A 150 -17.78 2.97 -13.67
C TRP A 150 -18.62 2.06 -14.54
N VAL A 151 -18.46 2.18 -15.88
CA VAL A 151 -19.14 1.36 -16.90
C VAL A 151 -18.82 -0.12 -16.64
N ARG A 152 -17.52 -0.47 -16.56
CA ARG A 152 -17.01 -1.82 -16.29
C ARG A 152 -17.51 -2.33 -14.94
N HIS A 153 -17.72 -1.42 -13.96
CA HIS A 153 -18.24 -1.74 -12.64
C HIS A 153 -19.73 -2.11 -12.71
N CYS A 154 -20.53 -1.36 -13.52
CA CYS A 154 -21.96 -1.62 -13.74
C CYS A 154 -22.12 -2.99 -14.38
N LEU A 155 -21.46 -3.19 -15.54
CA LEU A 155 -21.46 -4.42 -16.33
C LEU A 155 -21.10 -5.64 -15.52
N LYS A 156 -20.01 -5.56 -14.73
CA LYS A 156 -19.53 -6.63 -13.86
C LYS A 156 -20.62 -7.13 -12.93
N ASN A 157 -21.17 -6.22 -12.11
CA ASN A 157 -22.21 -6.54 -11.13
C ASN A 157 -23.63 -6.46 -11.70
N GLY A 158 -23.75 -6.42 -13.04
CA GLY A 158 -25.00 -6.39 -13.78
C GLY A 158 -25.96 -5.31 -13.33
N GLU A 159 -25.68 -4.05 -13.72
CA GLU A 159 -26.48 -2.89 -13.31
C GLU A 159 -26.67 -1.88 -14.44
N GLU A 160 -27.62 -0.95 -14.24
CA GLU A 160 -27.96 0.11 -15.18
C GLU A 160 -27.10 1.36 -14.97
N ILE A 161 -26.60 1.94 -16.10
CA ILE A 161 -25.72 3.12 -16.11
C ILE A 161 -26.50 4.43 -16.09
N HIS A 162 -26.63 5.01 -14.88
CA HIS A 162 -27.38 6.25 -14.68
C HIS A 162 -26.51 7.49 -14.72
N VAL A 163 -26.79 8.36 -15.70
CA VAL A 163 -26.07 9.60 -15.94
C VAL A 163 -27.00 10.79 -15.67
N VAL A 164 -26.47 11.83 -15.01
CA VAL A 164 -27.21 13.06 -14.71
C VAL A 164 -26.59 14.27 -15.46
N LEU A 165 -26.78 14.31 -16.80
CA LEU A 165 -26.30 15.37 -17.69
C LEU A 165 -26.40 16.74 -16.99
N ASP A 166 -25.26 17.38 -16.70
CA ASP A 166 -25.22 18.69 -16.06
C ASP A 166 -24.03 19.54 -16.52
N THR A 167 -23.91 20.77 -16.00
CA THR A 167 -22.87 21.72 -16.35
C THR A 167 -21.48 21.30 -15.85
N PRO A 168 -20.43 21.40 -16.72
CA PRO A 168 -19.08 21.04 -16.28
C PRO A 168 -18.57 21.87 -15.11
N PRO A 169 -17.80 21.26 -14.17
CA PRO A 169 -17.25 22.03 -13.04
C PRO A 169 -16.32 23.12 -13.55
N ASP A 170 -16.14 24.18 -12.75
CA ASP A 170 -15.32 25.29 -13.18
C ASP A 170 -13.82 25.05 -12.94
N PRO A 171 -13.01 24.92 -14.03
CA PRO A 171 -11.56 24.76 -13.88
C PRO A 171 -10.91 25.88 -13.07
N ALA A 172 -11.60 27.05 -12.97
CA ALA A 172 -11.17 28.20 -12.17
C ALA A 172 -11.13 27.84 -10.68
N LEU A 173 -11.96 26.86 -10.25
CA LEU A 173 -12.01 26.39 -8.86
C LEU A 173 -10.77 25.60 -8.44
N ASP A 174 -10.04 25.02 -9.42
CA ASP A 174 -8.79 24.28 -9.18
C ASP A 174 -7.63 25.23 -8.97
N GLU A 175 -7.78 26.54 -9.35
CA GLU A 175 -6.78 27.60 -9.26
C GLU A 175 -5.87 27.46 -8.05
N VAL A 176 -4.57 27.58 -8.31
CA VAL A 176 -3.52 27.45 -7.30
C VAL A 176 -3.05 28.84 -6.86
N ARG A 177 -2.82 29.00 -5.54
CA ARG A 177 -2.31 30.24 -4.96
C ARG A 177 -0.89 30.51 -5.49
N LYS A 178 -0.75 31.66 -6.18
CA LYS A 178 0.48 32.18 -6.82
C LYS A 178 1.64 32.34 -5.85
N GLU A 179 2.87 32.26 -6.39
CA GLU A 179 4.11 32.39 -5.62
C GLU A 179 5.06 33.36 -6.30
N VAL A 210 37.48 20.70 -2.07
CA VAL A 210 38.33 19.57 -2.48
C VAL A 210 37.50 18.37 -2.91
N SER A 211 37.96 17.68 -3.98
CA SER A 211 37.32 16.48 -4.49
C SER A 211 37.52 15.31 -3.53
N LEU A 212 36.41 14.59 -3.23
CA LEU A 212 36.40 13.41 -2.39
C LEU A 212 37.31 12.35 -3.00
N TRP A 213 37.44 12.35 -4.34
CA TRP A 213 38.26 11.42 -5.11
C TRP A 213 39.75 11.61 -5.04
N ASP A 214 40.12 12.56 -4.19
CA ASP A 214 41.47 12.94 -3.85
C ASP A 214 41.81 12.81 -2.50
N CYS A 215 40.98 12.18 -1.74
CA CYS A 215 41.69 11.79 -0.55
C CYS A 215 41.73 10.32 -0.29
N ASP A 216 42.96 9.78 -0.37
CA ASP A 216 43.23 8.36 -0.13
C ASP A 216 43.09 8.09 1.37
N ARG A 217 42.92 9.18 2.16
CA ARG A 217 42.69 9.18 3.61
C ARG A 217 41.61 8.17 3.91
N LYS A 218 41.87 7.27 4.86
CA LYS A 218 40.87 6.31 5.27
C LYS A 218 39.84 7.04 6.11
N PHE A 219 38.54 6.75 5.88
CA PHE A 219 37.47 7.38 6.66
C PHE A 219 37.61 7.04 8.12
N ARG A 220 37.32 8.04 8.97
CA ARG A 220 37.38 7.88 10.42
C ARG A 220 36.30 8.70 11.10
N VAL A 221 35.77 8.17 12.22
CA VAL A 221 34.77 8.84 13.03
C VAL A 221 35.11 8.75 14.51
N LYS A 222 35.02 9.89 15.21
CA LYS A 222 35.33 9.99 16.63
C LYS A 222 34.07 9.79 17.48
N ILE A 223 34.09 8.81 18.40
CA ILE A 223 32.97 8.54 19.30
C ILE A 223 33.24 9.26 20.64
N ARG A 224 32.68 10.49 20.80
CA ARG A 224 32.83 11.26 22.04
C ARG A 224 32.19 10.49 23.18
N GLY A 225 31.02 9.94 22.90
CA GLY A 225 30.28 9.13 23.85
C GLY A 225 28.77 9.21 23.72
N ILE A 226 28.11 8.40 24.56
CA ILE A 226 26.66 8.28 24.66
C ILE A 226 26.22 8.75 26.04
N ASP A 227 24.89 8.92 26.21
CA ASP A 227 24.30 9.33 27.48
C ASP A 227 22.79 9.15 27.45
N ILE A 228 22.30 8.22 28.27
CA ILE A 228 20.87 7.99 28.39
C ILE A 228 20.40 8.77 29.63
N PRO A 229 19.50 9.76 29.50
CA PRO A 229 19.01 10.47 30.69
C PRO A 229 18.35 9.58 31.77
N VAL A 230 18.37 8.21 31.64
CA VAL A 230 17.77 7.23 32.59
C VAL A 230 18.06 5.72 32.31
N LEU A 231 18.32 4.95 33.38
CA LEU A 231 18.50 3.50 33.32
C LEU A 231 17.36 2.90 34.15
N LEU A 237 24.79 -3.16 33.52
CA LEU A 237 25.28 -3.81 32.31
C LEU A 237 26.58 -3.15 31.82
N THR A 238 27.10 -3.64 30.67
CA THR A 238 28.28 -3.16 29.94
C THR A 238 27.75 -2.60 28.60
N VAL A 239 28.48 -1.68 27.95
CA VAL A 239 28.00 -1.08 26.70
C VAL A 239 29.09 -0.73 25.66
N PHE A 240 28.82 -1.02 24.38
CA PHE A 240 29.73 -0.69 23.29
C PHE A 240 28.98 -0.14 22.08
N VAL A 241 29.58 0.86 21.43
CA VAL A 241 29.05 1.51 20.23
C VAL A 241 29.55 0.70 19.03
N GLU A 242 28.70 0.57 18.01
CA GLU A 242 29.03 -0.12 16.77
C GLU A 242 28.78 0.85 15.63
N ALA A 243 29.85 1.23 14.92
CA ALA A 243 29.79 2.15 13.80
C ALA A 243 29.96 1.37 12.51
N ASN A 244 28.95 1.44 11.63
CA ASN A 244 28.92 0.73 10.36
C ASN A 244 28.79 1.70 9.21
N ILE A 245 29.49 1.42 8.11
CA ILE A 245 29.37 2.19 6.88
C ILE A 245 28.57 1.31 5.93
N GLN A 246 27.33 1.73 5.63
CA GLN A 246 26.42 0.93 4.80
C GLN A 246 26.01 1.60 3.51
N HIS A 247 25.59 0.77 2.55
CA HIS A 247 25.08 1.18 1.24
C HIS A 247 24.21 0.05 0.73
N GLY A 248 22.90 0.29 0.68
CA GLY A 248 21.89 -0.66 0.20
C GLY A 248 21.82 -1.94 1.01
N GLN A 249 21.88 -1.82 2.36
CA GLN A 249 21.88 -2.94 3.31
C GLN A 249 23.22 -3.73 3.27
N GLN A 250 24.10 -3.38 2.30
CA GLN A 250 25.44 -3.95 2.10
C GLN A 250 26.34 -3.18 3.08
N VAL A 251 27.05 -3.92 3.98
CA VAL A 251 27.94 -3.35 4.99
C VAL A 251 29.35 -3.27 4.43
N LEU A 252 29.87 -2.06 4.27
CA LEU A 252 31.20 -1.82 3.71
C LEU A 252 32.32 -2.05 4.72
N CYS A 253 32.10 -1.61 5.96
CA CYS A 253 33.05 -1.78 7.06
C CYS A 253 32.36 -1.67 8.39
N GLN A 254 33.01 -2.21 9.41
CA GLN A 254 32.52 -2.19 10.77
C GLN A 254 33.67 -1.93 11.74
N ARG A 255 33.36 -1.20 12.80
CA ARG A 255 34.26 -0.85 13.89
C ARG A 255 33.45 -0.95 15.17
N ARG A 256 34.10 -0.73 16.31
CA ARG A 256 33.47 -0.78 17.63
C ARG A 256 34.19 0.11 18.62
N THR A 257 33.77 0.06 19.87
CA THR A 257 34.38 0.78 20.96
C THR A 257 34.63 -0.25 22.04
N SER A 258 35.61 0.02 22.91
CA SER A 258 35.93 -0.85 24.04
C SER A 258 34.70 -0.91 24.95
N PRO A 259 34.27 -2.11 25.40
CA PRO A 259 33.07 -2.17 26.26
C PRO A 259 33.31 -1.41 27.56
N LYS A 260 32.52 -0.35 27.76
CA LYS A 260 32.58 0.54 28.91
C LYS A 260 31.41 0.25 29.86
N PRO A 261 31.49 0.59 31.17
CA PRO A 261 30.37 0.30 32.07
C PRO A 261 29.12 1.12 31.73
N PHE A 262 27.97 0.43 31.58
CA PHE A 262 26.71 1.06 31.23
C PHE A 262 26.18 1.96 32.34
N THR A 263 26.55 3.24 32.28
CA THR A 263 26.12 4.26 33.22
C THR A 263 25.29 5.30 32.48
N GLU A 264 24.71 6.25 33.21
CA GLU A 264 23.89 7.35 32.67
C GLU A 264 24.61 8.21 31.65
N GLU A 265 25.95 8.04 31.57
CA GLU A 265 26.84 8.71 30.64
C GLU A 265 28.06 7.83 30.38
N VAL A 266 28.50 7.76 29.11
CA VAL A 266 29.68 6.98 28.72
C VAL A 266 30.50 7.77 27.71
N LEU A 267 31.81 7.94 27.98
CA LEU A 267 32.70 8.67 27.08
C LEU A 267 33.81 7.75 26.59
N TRP A 268 34.29 8.01 25.36
CA TRP A 268 35.37 7.25 24.71
C TRP A 268 36.41 8.19 24.16
N ASN A 269 35.97 9.23 23.39
CA ASN A 269 36.81 10.22 22.69
C ASN A 269 37.81 9.51 21.74
N VAL A 270 37.42 8.31 21.27
CA VAL A 270 38.19 7.44 20.40
C VAL A 270 37.95 7.75 18.94
N TRP A 271 38.95 7.47 18.10
CA TRP A 271 38.83 7.62 16.66
C TRP A 271 38.70 6.23 16.08
N LEU A 272 37.62 6.02 15.32
CA LEU A 272 37.37 4.73 14.68
C LEU A 272 37.76 4.84 13.24
N GLU A 273 38.96 4.36 12.92
CA GLU A 273 39.49 4.41 11.57
C GLU A 273 38.95 3.22 10.80
N PHE A 274 38.12 3.48 9.79
CA PHE A 274 37.56 2.44 8.94
C PHE A 274 38.58 2.05 7.87
N SER A 275 38.33 0.92 7.18
CA SER A 275 39.18 0.42 6.11
C SER A 275 38.52 0.74 4.76
N ILE A 276 38.18 2.03 4.56
CA ILE A 276 37.54 2.56 3.34
C ILE A 276 38.10 3.95 3.10
N LYS A 277 38.74 4.16 1.92
CA LYS A 277 39.27 5.47 1.55
C LYS A 277 38.10 6.46 1.42
N ILE A 278 38.33 7.76 1.74
CA ILE A 278 37.33 8.83 1.65
C ILE A 278 36.78 8.85 0.22
N LYS A 279 37.64 8.61 -0.77
CA LYS A 279 37.31 8.55 -2.19
C LYS A 279 36.53 7.31 -2.62
N ASP A 280 36.52 6.25 -1.79
CA ASP A 280 35.78 5.02 -2.08
C ASP A 280 34.37 5.06 -1.50
N LEU A 281 34.00 6.20 -0.88
CA LEU A 281 32.69 6.38 -0.29
C LEU A 281 31.64 6.71 -1.35
N PRO A 282 30.56 5.91 -1.41
CA PRO A 282 29.51 6.16 -2.42
C PRO A 282 28.42 7.09 -1.89
N LYS A 283 27.72 7.80 -2.79
CA LYS A 283 26.60 8.63 -2.34
C LYS A 283 25.51 7.68 -1.81
N GLY A 284 24.73 8.14 -0.84
CA GLY A 284 23.72 7.30 -0.22
C GLY A 284 24.30 6.35 0.81
N ALA A 285 25.61 6.48 1.11
CA ALA A 285 26.30 5.71 2.13
C ALA A 285 25.87 6.23 3.49
N LEU A 286 25.59 5.32 4.43
CA LEU A 286 25.13 5.63 5.77
C LEU A 286 26.12 5.27 6.83
N LEU A 287 26.33 6.17 7.79
CA LEU A 287 27.06 5.82 8.99
C LEU A 287 25.95 5.34 9.90
N ASN A 288 25.99 4.07 10.29
CA ASN A 288 25.00 3.48 11.17
C ASN A 288 25.62 3.30 12.55
N LEU A 289 25.01 3.94 13.56
CA LEU A 289 25.50 3.89 14.93
C LEU A 289 24.56 3.10 15.82
N GLN A 290 25.06 1.98 16.37
CA GLN A 290 24.28 1.06 17.18
C GLN A 290 24.86 0.86 18.58
N ILE A 291 24.00 0.66 19.59
CA ILE A 291 24.43 0.47 20.98
C ILE A 291 23.99 -0.91 21.50
N TYR A 292 24.97 -1.76 21.83
CA TYR A 292 24.74 -3.10 22.36
C TYR A 292 25.14 -3.22 23.82
N CYS A 293 24.78 -4.35 24.47
CA CYS A 293 25.10 -4.62 25.87
C CYS A 293 25.24 -6.13 26.12
N VAL A 316 23.59 -9.86 24.67
CA VAL A 316 24.16 -8.81 23.79
C VAL A 316 23.03 -8.44 22.97
N GLN A 317 22.62 -7.20 23.08
CA GLN A 317 21.42 -6.90 22.42
C GLN A 317 21.44 -5.47 22.06
N LEU A 318 20.80 -5.17 20.95
CA LEU A 318 20.81 -3.84 20.51
C LEU A 318 19.75 -3.00 21.11
N LEU A 319 20.13 -1.75 21.29
CA LEU A 319 19.17 -0.91 21.90
C LEU A 319 18.80 0.30 21.18
N TYR A 320 19.77 0.80 20.36
CA TYR A 320 19.52 2.04 19.73
C TYR A 320 20.26 2.05 18.58
N TYR A 321 19.76 2.83 17.65
CA TYR A 321 20.55 3.00 16.50
C TYR A 321 20.12 4.38 15.98
N VAL A 322 20.97 4.91 15.06
CA VAL A 322 20.78 6.23 14.49
C VAL A 322 21.59 6.25 13.23
N ASN A 323 21.18 7.04 12.24
CA ASN A 323 21.91 7.06 10.99
C ASN A 323 22.26 8.44 10.51
N LEU A 324 23.37 8.51 9.79
CA LEU A 324 23.85 9.76 9.23
C LEU A 324 24.40 9.50 7.84
N LEU A 325 23.91 10.26 6.85
CA LEU A 325 24.39 10.15 5.49
C LEU A 325 25.78 10.77 5.41
N LEU A 326 26.78 9.94 5.10
CA LEU A 326 28.18 10.35 5.01
C LEU A 326 28.46 11.26 3.82
N ILE A 327 27.43 11.46 2.98
CA ILE A 327 27.42 12.35 1.82
C ILE A 327 26.04 13.01 1.84
N ASP A 328 26.01 14.33 1.95
CA ASP A 328 24.74 15.05 1.99
C ASP A 328 24.16 15.29 0.59
N HIS A 329 22.98 15.93 0.58
CA HIS A 329 22.19 16.38 -0.57
C HIS A 329 23.00 17.32 -1.50
N ARG A 330 24.15 17.83 -1.00
CA ARG A 330 25.04 18.72 -1.74
C ARG A 330 26.32 18.02 -2.22
N PHE A 331 26.38 16.67 -2.08
CA PHE A 331 27.51 15.85 -2.49
C PHE A 331 28.77 16.15 -1.65
N LEU A 332 28.62 16.75 -0.47
CA LEU A 332 29.76 17.09 0.39
C LEU A 332 29.94 16.03 1.44
N LEU A 333 31.19 15.66 1.71
CA LEU A 333 31.50 14.72 2.78
C LEU A 333 31.16 15.43 4.08
N ARG A 334 30.42 14.71 4.93
CA ARG A 334 29.94 15.18 6.21
C ARG A 334 31.06 15.40 7.21
N ARG A 335 31.25 16.68 7.59
CA ARG A 335 32.25 17.11 8.57
C ARG A 335 31.55 17.92 9.67
N GLY A 336 32.00 17.75 10.91
CA GLY A 336 31.45 18.48 12.04
C GLY A 336 31.16 17.70 13.31
N GLU A 337 30.50 18.37 14.25
CA GLU A 337 30.09 17.85 15.55
C GLU A 337 28.61 17.47 15.49
N TYR A 338 28.29 16.25 15.95
CA TYR A 338 26.92 15.76 15.92
C TYR A 338 26.49 15.17 17.23
N VAL A 339 25.26 15.49 17.65
CA VAL A 339 24.60 14.98 18.85
C VAL A 339 23.32 14.36 18.33
N LEU A 340 23.31 13.04 18.15
CA LEU A 340 22.15 12.40 17.56
C LEU A 340 21.30 11.70 18.58
N HIS A 341 20.04 12.11 18.66
CA HIS A 341 19.08 11.49 19.54
C HIS A 341 18.59 10.23 18.84
N MET A 342 18.95 9.10 19.44
CA MET A 342 18.76 7.75 18.92
C MET A 342 17.41 7.12 19.13
N TRP A 343 17.08 6.21 18.20
CA TRP A 343 15.86 5.43 18.19
C TRP A 343 16.06 4.20 19.01
N GLN A 344 15.05 3.88 19.81
CA GLN A 344 15.05 2.72 20.68
C GLN A 344 14.47 1.51 19.92
N ILE A 345 14.80 0.30 20.41
CA ILE A 345 14.32 -0.99 19.91
C ILE A 345 13.23 -1.50 20.86
N SER A 346 12.30 -2.31 20.31
CA SER A 346 11.22 -2.94 21.06
C SER A 346 11.21 -4.47 20.81
N GLY A 347 10.31 -5.18 21.49
CA GLY A 347 10.17 -6.63 21.38
C GLY A 347 10.46 -7.36 22.67
N PHE A 355 16.07 -5.56 9.18
CA PHE A 355 14.72 -6.11 9.30
C PHE A 355 13.67 -5.20 8.66
N ASN A 356 13.20 -4.16 9.38
CA ASN A 356 12.20 -3.24 8.87
C ASN A 356 12.75 -1.85 8.48
N ALA A 357 11.95 -1.11 7.67
CA ALA A 357 12.22 0.21 7.09
C ALA A 357 12.64 1.32 8.05
N ASP A 358 12.09 1.35 9.29
CA ASP A 358 12.40 2.36 10.31
C ASP A 358 13.89 2.42 10.68
N LYS A 359 14.56 1.26 10.62
CA LYS A 359 15.98 1.13 10.92
C LYS A 359 16.91 1.79 9.90
N LEU A 360 16.34 2.27 8.78
CA LEU A 360 17.09 2.89 7.69
C LEU A 360 17.04 4.41 7.66
N THR A 361 16.13 5.02 8.44
CA THR A 361 15.89 6.45 8.51
C THR A 361 17.12 7.34 8.77
N SER A 362 17.17 8.50 8.10
CA SER A 362 18.20 9.50 8.30
C SER A 362 17.70 10.50 9.37
N ALA A 363 16.41 10.36 9.76
CA ALA A 363 15.75 11.18 10.76
C ALA A 363 16.15 10.77 12.17
N THR A 364 16.40 11.77 13.02
CA THR A 364 16.78 11.58 14.42
C THR A 364 15.53 11.66 15.28
N ASN A 365 15.59 11.09 16.50
CA ASN A 365 14.48 11.10 17.43
C ASN A 365 14.12 12.54 17.86
N PRO A 366 12.84 12.99 17.66
CA PRO A 366 12.45 14.35 18.08
C PRO A 366 12.37 14.54 19.59
N ASP A 367 12.05 13.45 20.29
CA ASP A 367 11.91 13.39 21.74
C ASP A 367 13.32 13.32 22.33
N LYS A 368 13.75 14.40 22.99
CA LYS A 368 15.08 14.50 23.60
C LYS A 368 15.08 14.20 25.09
N GLU A 369 13.98 14.53 25.79
CA GLU A 369 13.78 14.31 27.24
C GLU A 369 14.00 12.86 27.67
N ASN A 370 13.87 11.92 26.72
CA ASN A 370 13.99 10.48 26.99
C ASN A 370 15.04 9.80 26.12
N SER A 371 15.13 10.17 24.83
CA SER A 371 16.04 9.56 23.85
C SER A 371 17.49 9.55 24.22
N MET A 372 18.11 8.40 23.93
CA MET A 372 19.54 8.14 24.07
C MET A 372 20.22 9.05 23.06
N SER A 373 21.36 9.58 23.43
CA SER A 373 22.08 10.47 22.55
C SER A 373 23.48 9.96 22.31
N ILE A 374 24.06 10.32 21.17
CA ILE A 374 25.42 9.97 20.79
C ILE A 374 26.12 11.22 20.27
N SER A 375 27.37 11.40 20.66
CA SER A 375 28.16 12.52 20.20
C SER A 375 29.33 11.97 19.43
N ILE A 376 29.57 12.54 18.24
CA ILE A 376 30.60 12.12 17.29
C ILE A 376 31.32 13.33 16.68
N LEU A 377 32.45 13.09 16.00
CA LEU A 377 33.21 14.13 15.32
C LEU A 377 33.68 13.67 13.95
N LEU A 378 33.38 14.49 12.96
CA LEU A 378 33.77 14.22 11.59
C LEU A 378 34.78 15.25 11.25
N ASP A 379 36.01 14.80 11.14
CA ASP A 379 37.22 15.57 10.83
C ASP A 379 36.74 16.76 10.12
N ASN A 380 37.14 17.91 10.61
CA ASN A 380 36.66 19.15 10.06
C ASN A 380 37.81 20.01 9.59
N TYR A 381 38.63 19.46 8.66
CA TYR A 381 39.79 20.16 8.09
C TYR A 381 39.41 21.48 7.40
N PRO A 384 36.11 21.86 2.64
CA PRO A 384 34.91 21.31 1.99
C PRO A 384 35.30 20.24 0.96
N ILE A 385 34.84 19.00 1.21
CA ILE A 385 35.13 17.84 0.37
C ILE A 385 33.88 17.35 -0.35
N ALA A 386 33.73 17.75 -1.60
CA ALA A 386 32.57 17.39 -2.39
C ALA A 386 32.80 16.20 -3.31
N LEU A 387 31.71 15.48 -3.57
CA LEU A 387 31.73 14.33 -4.46
C LEU A 387 31.38 14.81 -5.85
N PRO A 388 32.25 14.50 -6.84
CA PRO A 388 31.92 14.83 -8.25
C PRO A 388 30.59 14.18 -8.67
N ARG A 402 32.12 -8.14 -23.53
CA ARG A 402 32.26 -7.57 -24.86
C ARG A 402 32.89 -8.56 -25.88
N ALA A 403 33.05 -9.83 -25.47
CA ALA A 403 33.64 -10.87 -26.32
C ALA A 403 32.69 -12.08 -26.42
N GLU A 404 33.24 -13.31 -26.35
CA GLU A 404 32.42 -14.52 -26.38
C GLU A 404 32.16 -15.00 -24.95
N MET A 405 31.72 -16.26 -24.80
CA MET A 405 31.40 -16.88 -23.52
C MET A 405 31.23 -18.39 -23.74
N PRO A 406 31.80 -19.23 -22.84
CA PRO A 406 31.64 -20.70 -22.95
C PRO A 406 30.19 -21.21 -23.05
N ASN A 407 29.89 -22.38 -22.47
CA ASN A 407 28.55 -22.95 -22.56
C ASN A 407 27.98 -23.19 -21.18
N GLN A 408 28.77 -23.78 -20.29
CA GLN A 408 28.39 -24.04 -18.90
C GLN A 408 28.30 -22.73 -18.12
N LEU A 409 29.01 -21.68 -18.59
CA LEU A 409 28.99 -20.38 -17.97
C LEU A 409 27.70 -19.66 -18.30
N ARG A 410 27.30 -19.67 -19.60
CA ARG A 410 26.05 -19.07 -20.08
C ARG A 410 24.88 -19.69 -19.35
N LYS A 411 24.92 -21.02 -19.19
CA LYS A 411 23.93 -21.82 -18.50
C LYS A 411 23.87 -21.52 -17.02
N GLN A 412 25.03 -21.31 -16.37
CA GLN A 412 25.06 -20.92 -14.97
C GLN A 412 24.49 -19.50 -14.85
N LEU A 413 24.89 -18.59 -15.77
CA LEU A 413 24.41 -17.21 -15.80
C LEU A 413 22.89 -17.15 -15.99
N GLU A 414 22.35 -17.96 -16.94
CA GLU A 414 20.93 -18.06 -17.22
C GLU A 414 20.17 -18.60 -16.01
N ALA A 415 20.76 -19.59 -15.30
CA ALA A 415 20.20 -20.18 -14.09
C ALA A 415 20.14 -19.16 -12.95
N ILE A 416 21.02 -18.13 -13.01
CA ILE A 416 21.05 -17.03 -12.03
C ILE A 416 19.95 -16.02 -12.36
N ILE A 417 19.88 -15.53 -13.62
CA ILE A 417 18.86 -14.55 -14.06
C ILE A 417 17.44 -15.05 -13.77
N ALA A 418 17.22 -16.37 -13.96
CA ALA A 418 15.95 -17.06 -13.78
C ALA A 418 15.44 -17.01 -12.34
N THR A 419 16.28 -17.45 -11.38
CA THR A 419 15.99 -17.50 -9.95
C THR A 419 15.19 -16.31 -9.39
N ASP A 420 14.21 -16.58 -8.52
CA ASP A 420 13.30 -15.59 -7.92
C ASP A 420 14.01 -14.43 -7.17
N PRO A 421 13.28 -13.36 -6.76
CA PRO A 421 13.95 -12.22 -6.08
C PRO A 421 14.60 -12.54 -4.75
N LEU A 422 14.07 -13.54 -4.01
CA LEU A 422 14.57 -13.90 -2.70
C LEU A 422 15.67 -14.96 -2.64
N ASN A 423 16.04 -15.54 -3.79
CA ASN A 423 17.14 -16.50 -3.83
C ASN A 423 18.44 -15.73 -3.66
N PRO A 424 19.21 -16.05 -2.59
CA PRO A 424 20.46 -15.34 -2.35
C PRO A 424 21.52 -15.62 -3.41
N LEU A 425 22.45 -14.67 -3.56
CA LEU A 425 23.53 -14.78 -4.53
C LEU A 425 24.81 -15.10 -3.77
N THR A 426 25.45 -16.22 -4.12
CA THR A 426 26.74 -16.63 -3.55
C THR A 426 27.84 -15.69 -4.07
N ALA A 427 29.04 -15.74 -3.46
CA ALA A 427 30.20 -14.97 -3.90
C ALA A 427 30.53 -15.37 -5.35
N GLU A 428 30.45 -16.68 -5.67
CA GLU A 428 30.68 -17.24 -7.02
C GLU A 428 29.67 -16.66 -8.02
N ASP A 429 28.37 -16.61 -7.64
CA ASP A 429 27.26 -16.08 -8.44
C ASP A 429 27.48 -14.62 -8.80
N LYS A 430 27.77 -13.76 -7.78
CA LYS A 430 28.01 -12.33 -7.94
C LYS A 430 29.20 -12.06 -8.85
N GLU A 431 30.36 -12.69 -8.56
CA GLU A 431 31.60 -12.57 -9.36
C GLU A 431 31.36 -12.92 -10.83
N LEU A 432 30.38 -13.81 -11.11
CA LEU A 432 29.96 -14.24 -12.44
C LEU A 432 29.15 -13.14 -13.14
N LEU A 433 28.10 -12.57 -12.46
CA LEU A 433 27.26 -11.50 -13.00
C LEU A 433 28.11 -10.31 -13.39
N TRP A 434 29.11 -9.99 -12.54
CA TRP A 434 30.01 -8.87 -12.76
C TRP A 434 30.91 -9.07 -13.96
N HIS A 435 31.69 -10.16 -14.00
CA HIS A 435 32.59 -10.44 -15.11
C HIS A 435 31.86 -10.41 -16.46
N PHE A 436 30.66 -11.04 -16.51
CA PHE A 436 29.79 -11.07 -17.70
C PHE A 436 28.67 -10.03 -17.59
N ARG A 437 28.99 -8.80 -17.12
CA ARG A 437 28.02 -7.72 -16.95
C ARG A 437 27.38 -7.22 -18.23
N TYR A 438 28.15 -7.17 -19.32
CA TYR A 438 27.68 -6.70 -20.63
C TYR A 438 26.69 -7.66 -21.24
N GLU A 439 26.88 -8.96 -20.98
CA GLU A 439 25.97 -10.00 -21.40
C GLU A 439 24.77 -10.04 -20.46
N SER A 440 24.98 -9.68 -19.18
CA SER A 440 23.94 -9.61 -18.16
C SER A 440 22.99 -8.44 -18.43
N LEU A 441 23.51 -7.38 -19.08
CA LEU A 441 22.76 -6.17 -19.42
C LEU A 441 21.68 -6.39 -20.48
N LYS A 442 21.86 -7.40 -21.34
CA LYS A 442 20.91 -7.76 -22.41
C LYS A 442 19.59 -8.31 -21.83
N HIS A 443 19.61 -8.73 -20.55
CA HIS A 443 18.45 -9.29 -19.87
C HIS A 443 17.94 -8.35 -18.77
N PRO A 444 16.83 -7.58 -18.99
CA PRO A 444 16.33 -6.71 -17.91
C PRO A 444 16.09 -7.42 -16.58
N LYS A 445 15.76 -8.73 -16.65
CA LYS A 445 15.56 -9.62 -15.49
C LYS A 445 16.84 -9.79 -14.64
N ALA A 446 18.02 -9.51 -15.23
CA ALA A 446 19.31 -9.61 -14.57
C ALA A 446 19.69 -8.36 -13.76
N TYR A 447 19.04 -7.21 -14.02
CA TYR A 447 19.33 -5.93 -13.35
C TYR A 447 19.34 -5.96 -11.81
N PRO A 448 18.34 -6.52 -11.08
CA PRO A 448 18.42 -6.55 -9.62
C PRO A 448 19.61 -7.35 -9.09
N LYS A 449 19.87 -8.52 -9.70
CA LYS A 449 20.97 -9.41 -9.30
C LYS A 449 22.33 -8.86 -9.70
N LEU A 450 22.41 -8.26 -10.91
CA LEU A 450 23.62 -7.65 -11.46
C LEU A 450 24.01 -6.42 -10.63
N PHE A 451 23.04 -5.54 -10.29
CA PHE A 451 23.32 -4.37 -9.46
C PHE A 451 23.58 -4.66 -7.99
N SER A 452 23.21 -5.88 -7.54
CA SER A 452 23.45 -6.38 -6.18
C SER A 452 24.87 -6.97 -6.10
N SER A 453 25.43 -7.36 -7.26
CA SER A 453 26.78 -7.91 -7.40
C SER A 453 27.86 -6.80 -7.42
N VAL A 454 27.41 -5.53 -7.38
CA VAL A 454 28.31 -4.37 -7.41
C VAL A 454 28.92 -4.11 -6.04
N LYS A 455 30.26 -3.95 -6.02
CA LYS A 455 31.06 -3.60 -4.85
C LYS A 455 30.97 -2.08 -4.82
N TRP A 456 29.95 -1.56 -4.11
CA TRP A 456 29.68 -0.13 -4.01
C TRP A 456 30.72 0.64 -3.19
N GLY A 457 31.46 -0.08 -2.34
CA GLY A 457 32.53 0.47 -1.53
C GLY A 457 33.83 0.70 -2.28
N GLN A 458 33.78 0.71 -3.64
CA GLN A 458 34.94 0.90 -4.50
C GLN A 458 34.65 1.86 -5.66
N GLN A 459 35.34 3.03 -5.66
CA GLN A 459 35.25 4.11 -6.64
C GLN A 459 35.24 3.63 -8.08
N GLU A 460 36.27 2.84 -8.47
CA GLU A 460 36.47 2.32 -9.83
C GLU A 460 35.32 1.43 -10.31
N ILE A 461 34.74 0.60 -9.40
CA ILE A 461 33.62 -0.29 -9.70
C ILE A 461 32.37 0.51 -10.08
N VAL A 462 31.93 1.43 -9.18
CA VAL A 462 30.78 2.34 -9.35
C VAL A 462 30.89 3.05 -10.71
N ALA A 463 32.11 3.52 -11.04
CA ALA A 463 32.44 4.17 -12.30
C ALA A 463 32.10 3.26 -13.49
N LYS A 464 32.60 2.00 -13.49
CA LYS A 464 32.32 0.99 -14.53
C LYS A 464 30.84 0.66 -14.57
N THR A 465 30.16 0.70 -13.40
CA THR A 465 28.72 0.48 -13.22
C THR A 465 27.95 1.61 -13.91
N TYR A 466 28.44 2.87 -13.82
CA TYR A 466 27.81 4.02 -14.49
C TYR A 466 28.07 3.97 -15.97
N GLN A 467 29.25 3.46 -16.36
CA GLN A 467 29.62 3.22 -17.75
C GLN A 467 28.66 2.16 -18.30
N LEU A 468 28.27 1.18 -17.44
CA LEU A 468 27.31 0.10 -17.69
C LEU A 468 25.88 0.68 -17.82
N LEU A 469 25.53 1.71 -17.02
CA LEU A 469 24.19 2.33 -17.04
C LEU A 469 23.90 3.16 -18.29
N ALA A 470 24.95 3.71 -18.94
CA ALA A 470 24.84 4.51 -20.15
C ALA A 470 24.42 3.65 -21.36
N ARG A 471 24.84 2.37 -21.37
CA ARG A 471 24.52 1.40 -22.43
C ARG A 471 23.26 0.63 -22.02
N ARG A 472 22.15 1.35 -21.84
CA ARG A 472 20.87 0.82 -21.34
C ARG A 472 19.77 0.63 -22.41
N GLU A 473 20.16 0.58 -23.70
CA GLU A 473 19.24 0.39 -24.84
C GLU A 473 18.13 -0.62 -24.53
N VAL A 474 18.53 -1.89 -24.21
CA VAL A 474 17.62 -3.02 -23.90
C VAL A 474 16.61 -2.71 -22.79
N TRP A 475 17.08 -2.19 -21.65
CA TRP A 475 16.22 -1.85 -20.51
C TRP A 475 15.14 -0.85 -20.96
N ASP A 476 15.56 0.36 -21.40
CA ASP A 476 14.72 1.46 -21.88
C ASP A 476 13.69 1.06 -22.94
N GLN A 477 14.00 0.01 -23.72
CA GLN A 477 13.15 -0.49 -24.79
C GLN A 477 12.03 -1.42 -24.34
N SER A 478 12.39 -2.50 -23.62
CA SER A 478 11.49 -3.56 -23.12
C SER A 478 10.21 -3.06 -22.46
N ALA A 479 9.14 -3.88 -22.53
CA ALA A 479 7.86 -3.55 -21.90
C ALA A 479 8.03 -3.50 -20.39
N LEU A 480 7.27 -2.61 -19.76
CA LEU A 480 7.30 -2.37 -18.32
C LEU A 480 6.96 -3.64 -17.54
N ASP A 481 7.83 -3.94 -16.56
CA ASP A 481 7.71 -5.06 -15.66
C ASP A 481 7.75 -4.46 -14.25
N VAL A 482 6.56 -4.17 -13.67
CA VAL A 482 6.39 -3.56 -12.34
C VAL A 482 7.14 -4.32 -11.26
N GLY A 483 7.03 -5.66 -11.27
CA GLY A 483 7.71 -6.56 -10.35
C GLY A 483 9.21 -6.36 -10.34
N LEU A 484 9.80 -6.27 -11.54
CA LEU A 484 11.22 -6.02 -11.78
C LEU A 484 11.55 -4.57 -11.36
N THR A 485 10.66 -3.62 -11.69
CA THR A 485 10.78 -2.20 -11.37
C THR A 485 10.73 -1.97 -9.84
N MET A 486 9.83 -2.69 -9.12
CA MET A 486 9.68 -2.61 -7.67
C MET A 486 10.95 -3.07 -6.95
N GLN A 487 11.65 -4.08 -7.50
CA GLN A 487 12.87 -4.64 -6.91
C GLN A 487 14.01 -3.65 -6.79
N LEU A 488 14.19 -2.76 -7.78
CA LEU A 488 15.26 -1.76 -7.78
C LEU A 488 14.96 -0.59 -6.82
N LEU A 489 13.72 -0.55 -6.29
CA LEU A 489 13.25 0.49 -5.37
C LEU A 489 13.19 0.03 -3.92
N ASP A 490 13.55 -1.25 -3.65
CA ASP A 490 13.54 -1.77 -2.29
C ASP A 490 14.77 -1.35 -1.49
N CYS A 491 14.93 -1.97 -0.31
CA CYS A 491 16.00 -1.75 0.64
C CYS A 491 17.41 -2.13 0.12
N ASN A 492 17.50 -2.99 -0.90
CA ASN A 492 18.78 -3.46 -1.46
C ASN A 492 19.50 -2.47 -2.39
N PHE A 493 18.85 -1.35 -2.77
CA PHE A 493 19.43 -0.41 -3.72
C PHE A 493 19.45 1.02 -3.20
N SER A 494 20.63 1.50 -2.77
CA SER A 494 20.86 2.86 -2.25
C SER A 494 21.45 3.78 -3.32
N ASP A 495 21.74 3.24 -4.51
CA ASP A 495 22.29 4.03 -5.58
C ASP A 495 21.20 4.81 -6.33
N GLU A 496 21.38 6.13 -6.38
CA GLU A 496 20.57 7.15 -7.00
C GLU A 496 20.24 6.83 -8.47
N ASN A 497 21.27 6.44 -9.25
CA ASN A 497 21.13 6.13 -10.67
C ASN A 497 20.44 4.82 -10.97
N VAL A 498 20.66 3.78 -10.13
CA VAL A 498 19.99 2.48 -10.28
C VAL A 498 18.50 2.71 -10.03
N ARG A 499 18.16 3.30 -8.87
CA ARG A 499 16.80 3.61 -8.48
C ARG A 499 16.05 4.44 -9.51
N ALA A 500 16.72 5.43 -10.13
CA ALA A 500 16.17 6.30 -11.17
C ALA A 500 15.70 5.56 -12.43
N ILE A 501 16.42 4.50 -12.85
CA ILE A 501 16.03 3.71 -14.03
C ILE A 501 14.70 3.00 -13.81
N ALA A 502 14.42 2.61 -12.55
CA ALA A 502 13.18 1.97 -12.13
C ALA A 502 12.05 3.01 -12.21
N VAL A 503 12.28 4.24 -11.67
CA VAL A 503 11.34 5.37 -11.69
C VAL A 503 10.97 5.79 -13.12
N GLN A 504 11.96 5.81 -14.03
CA GLN A 504 11.72 6.15 -15.43
C GLN A 504 10.84 5.09 -16.09
N LYS A 505 10.97 3.84 -15.62
CA LYS A 505 10.16 2.72 -16.11
C LYS A 505 8.71 2.86 -15.62
N LEU A 506 8.49 3.49 -14.44
CA LEU A 506 7.16 3.76 -13.85
C LEU A 506 6.46 4.88 -14.62
N GLU A 507 7.24 5.86 -15.14
CA GLU A 507 6.77 7.04 -15.89
C GLU A 507 5.74 6.73 -16.96
N SER A 508 5.82 5.51 -17.53
CA SER A 508 4.94 5.01 -18.57
C SER A 508 3.61 4.43 -18.07
N LEU A 509 3.47 4.21 -16.74
CA LEU A 509 2.21 3.69 -16.15
C LEU A 509 1.09 4.71 -16.32
N GLU A 510 -0.09 4.22 -16.71
CA GLU A 510 -1.29 5.06 -16.80
C GLU A 510 -1.82 5.21 -15.37
N ASP A 511 -2.62 6.27 -15.12
CA ASP A 511 -3.22 6.57 -13.81
C ASP A 511 -3.86 5.35 -13.15
N ASP A 512 -4.54 4.53 -13.97
CA ASP A 512 -5.17 3.27 -13.59
C ASP A 512 -4.20 2.36 -12.82
N ASP A 513 -2.96 2.22 -13.32
CA ASP A 513 -1.90 1.39 -12.74
C ASP A 513 -1.17 2.04 -11.57
N VAL A 514 -1.08 3.39 -11.56
CA VAL A 514 -0.45 4.11 -10.44
C VAL A 514 -1.31 3.85 -9.21
N LEU A 515 -2.65 3.90 -9.36
CA LEU A 515 -3.61 3.61 -8.29
C LEU A 515 -3.51 2.19 -7.74
N HIS A 516 -3.01 1.23 -8.55
CA HIS A 516 -2.81 -0.13 -8.11
C HIS A 516 -1.58 -0.23 -7.20
N TYR A 517 -0.50 0.46 -7.56
CA TYR A 517 0.79 0.41 -6.87
C TYR A 517 1.11 1.61 -5.99
N LEU A 518 0.20 2.61 -5.93
CA LEU A 518 0.33 3.85 -5.19
C LEU A 518 0.78 3.66 -3.75
N LEU A 519 -0.01 2.92 -2.95
CA LEU A 519 0.28 2.64 -1.55
C LEU A 519 1.70 2.12 -1.37
N GLN A 520 2.09 1.12 -2.17
CA GLN A 520 3.42 0.54 -2.08
C GLN A 520 4.55 1.36 -2.66
N LEU A 521 4.26 2.26 -3.61
CA LEU A 521 5.26 3.20 -4.14
C LEU A 521 5.55 4.25 -3.05
N VAL A 522 4.49 4.68 -2.34
CA VAL A 522 4.58 5.61 -1.20
C VAL A 522 5.37 4.93 -0.04
N GLN A 523 5.14 3.63 0.23
CA GLN A 523 5.88 2.91 1.29
C GLN A 523 7.35 2.74 0.90
N ALA A 524 7.62 2.64 -0.43
CA ALA A 524 8.95 2.51 -1.04
C ALA A 524 9.79 3.80 -0.89
N VAL A 525 9.18 4.93 -0.48
CA VAL A 525 9.87 6.20 -0.23
C VAL A 525 10.79 6.05 1.00
N LYS A 526 10.44 5.12 1.91
CA LYS A 526 11.21 4.78 3.10
C LYS A 526 12.57 4.15 2.77
N PHE A 527 12.73 3.65 1.53
CA PHE A 527 13.97 3.02 1.06
C PHE A 527 14.88 4.02 0.38
N GLU A 528 14.39 5.24 0.16
CA GLU A 528 15.13 6.31 -0.46
C GLU A 528 16.17 6.88 0.49
N PRO A 529 17.47 6.87 0.09
CA PRO A 529 18.50 7.44 0.98
C PRO A 529 18.27 8.92 1.28
N TYR A 530 17.76 9.69 0.28
CA TYR A 530 17.50 11.14 0.39
C TYR A 530 16.02 11.50 0.38
N HIS A 531 15.67 12.67 0.98
CA HIS A 531 14.33 13.25 1.05
C HIS A 531 13.86 13.60 -0.35
N ASP A 532 14.75 14.20 -1.15
CA ASP A 532 14.45 14.51 -2.53
C ASP A 532 14.92 13.33 -3.37
N SER A 533 13.99 12.76 -4.15
CA SER A 533 14.28 11.63 -5.00
C SER A 533 13.36 11.62 -6.20
N ALA A 534 13.78 10.90 -7.26
CA ALA A 534 13.04 10.71 -8.50
C ALA A 534 11.66 10.13 -8.16
N LEU A 535 11.60 9.18 -7.19
CA LEU A 535 10.39 8.54 -6.69
C LEU A 535 9.51 9.51 -5.91
N ALA A 536 10.11 10.35 -5.03
CA ALA A 536 9.38 11.38 -4.28
C ALA A 536 8.73 12.36 -5.28
N ARG A 537 9.49 12.81 -6.30
CA ARG A 537 9.03 13.71 -7.36
C ARG A 537 8.00 13.05 -8.27
N PHE A 538 8.16 11.73 -8.54
CA PHE A 538 7.24 10.96 -9.38
C PHE A 538 5.86 10.88 -8.74
N LEU A 539 5.81 10.65 -7.42
CA LEU A 539 4.55 10.57 -6.69
C LEU A 539 3.86 11.93 -6.69
N LEU A 540 4.68 13.01 -6.65
CA LEU A 540 4.25 14.41 -6.70
C LEU A 540 3.62 14.76 -8.05
N LYS A 541 4.29 14.43 -9.17
CA LYS A 541 3.76 14.69 -10.52
C LYS A 541 2.43 13.96 -10.68
N ARG A 542 2.38 12.67 -10.33
CA ARG A 542 1.19 11.80 -10.46
C ARG A 542 0.00 12.24 -9.61
N GLY A 543 0.26 12.71 -8.41
CA GLY A 543 -0.77 13.22 -7.51
C GLY A 543 -1.35 14.53 -8.01
N LEU A 544 -0.48 15.41 -8.55
CA LEU A 544 -0.88 16.72 -9.09
C LEU A 544 -1.56 16.67 -10.42
N ARG A 545 -1.30 15.64 -11.23
CA ARG A 545 -1.89 15.48 -12.55
C ARG A 545 -3.28 14.87 -12.47
N ASN A 546 -3.56 14.10 -11.41
CA ASN A 546 -4.84 13.40 -11.25
C ASN A 546 -5.37 13.51 -9.82
N LYS A 547 -6.62 13.98 -9.70
CA LYS A 547 -7.33 14.18 -8.42
C LYS A 547 -7.52 12.87 -7.64
N ARG A 548 -7.80 11.75 -8.32
CA ARG A 548 -7.99 10.45 -7.66
C ARG A 548 -6.67 9.97 -7.04
N ILE A 549 -5.57 10.05 -7.80
CA ILE A 549 -4.22 9.69 -7.35
C ILE A 549 -3.80 10.66 -6.24
N GLY A 550 -4.17 11.92 -6.38
CA GLY A 550 -3.88 12.97 -5.41
C GLY A 550 -4.64 12.87 -4.11
N HIS A 551 -5.95 12.49 -4.19
CA HIS A 551 -6.81 12.26 -3.01
C HIS A 551 -6.20 11.13 -2.19
N PHE A 552 -5.88 9.99 -2.85
CA PHE A 552 -5.28 8.81 -2.21
C PHE A 552 -3.87 9.04 -1.72
N LEU A 553 -3.04 9.80 -2.49
CA LEU A 553 -1.67 10.15 -2.11
C LEU A 553 -1.70 10.92 -0.80
N PHE A 554 -2.68 11.84 -0.66
CA PHE A 554 -2.91 12.64 0.54
C PHE A 554 -3.05 11.76 1.79
N TRP A 555 -4.11 10.89 1.84
CA TRP A 555 -4.40 10.00 2.99
C TRP A 555 -3.28 9.03 3.31
N PHE A 556 -2.63 8.47 2.26
CA PHE A 556 -1.51 7.54 2.41
C PHE A 556 -0.35 8.22 3.13
N LEU A 557 0.04 9.43 2.66
CA LEU A 557 1.09 10.24 3.28
C LEU A 557 0.66 10.67 4.67
N ARG A 558 -0.59 11.19 4.80
CA ARG A 558 -1.18 11.63 6.07
C ARG A 558 -1.14 10.53 7.12
N SER A 559 -1.49 9.28 6.73
CA SER A 559 -1.46 8.11 7.61
C SER A 559 -0.05 7.92 8.21
N GLU A 560 1.00 8.00 7.36
CA GLU A 560 2.41 7.85 7.75
C GLU A 560 2.89 8.95 8.68
N ILE A 561 2.53 10.20 8.38
CA ILE A 561 2.90 11.38 9.16
C ILE A 561 2.45 11.24 10.62
N ALA A 562 1.19 10.82 10.82
CA ALA A 562 0.55 10.64 12.13
C ALA A 562 1.12 9.52 13.00
N GLN A 563 1.53 8.38 12.41
CA GLN A 563 2.00 7.22 13.20
C GLN A 563 3.45 6.76 13.03
N SER A 564 4.29 7.58 12.36
CA SER A 564 5.70 7.27 12.15
C SER A 564 6.59 8.50 12.36
N ARG A 565 7.43 8.48 13.41
CA ARG A 565 8.35 9.59 13.67
C ARG A 565 9.63 9.47 12.83
N HIS A 566 9.96 8.23 12.41
CA HIS A 566 11.10 7.91 11.55
C HIS A 566 10.94 8.55 10.17
N TYR A 567 9.69 8.71 9.68
CA TYR A 567 9.45 9.22 8.34
C TYR A 567 8.49 10.40 8.19
N GLN A 568 7.79 10.80 9.26
CA GLN A 568 6.85 11.93 9.21
C GLN A 568 7.42 13.19 8.61
N GLN A 569 8.67 13.55 8.97
CA GLN A 569 9.37 14.76 8.50
C GLN A 569 9.45 14.75 6.98
N ARG A 570 10.02 13.69 6.42
CA ARG A 570 10.18 13.48 4.97
C ARG A 570 8.84 13.47 4.26
N PHE A 571 7.88 12.66 4.77
CA PHE A 571 6.53 12.55 4.22
C PHE A 571 5.77 13.88 4.27
N ALA A 572 5.93 14.63 5.38
CA ALA A 572 5.34 15.95 5.61
C ALA A 572 5.76 16.96 4.54
N VAL A 573 7.01 16.86 4.06
CA VAL A 573 7.57 17.72 3.03
C VAL A 573 6.93 17.40 1.66
N ILE A 574 6.66 16.11 1.39
CA ILE A 574 6.03 15.66 0.13
C ILE A 574 4.55 16.06 0.11
N LEU A 575 3.87 15.94 1.26
CA LEU A 575 2.45 16.31 1.39
C LEU A 575 2.26 17.80 1.17
N GLU A 576 3.08 18.65 1.85
CA GLU A 576 3.06 20.10 1.72
C GLU A 576 3.21 20.51 0.25
N ALA A 577 4.16 19.87 -0.47
CA ALA A 577 4.43 20.09 -1.88
C ALA A 577 3.21 19.72 -2.71
N TYR A 578 2.51 18.61 -2.33
CA TYR A 578 1.30 18.20 -3.02
C TYR A 578 0.18 19.24 -2.85
N LEU A 579 -0.05 19.68 -1.60
CA LEU A 579 -1.10 20.62 -1.23
C LEU A 579 -0.99 22.01 -1.87
N ARG A 580 0.25 22.42 -2.22
CA ARG A 580 0.52 23.70 -2.86
C ARG A 580 0.33 23.67 -4.37
N GLY A 581 -0.21 22.57 -4.89
CA GLY A 581 -0.44 22.42 -6.31
C GLY A 581 -1.70 21.68 -6.69
N CYS A 582 -2.42 21.09 -5.72
CA CYS A 582 -3.65 20.35 -6.01
C CYS A 582 -4.80 21.28 -6.38
N GLY A 583 -4.77 22.46 -5.78
CA GLY A 583 -5.76 23.51 -5.97
C GLY A 583 -6.50 23.84 -4.70
N THR A 584 -7.14 25.02 -4.67
CA THR A 584 -7.90 25.48 -3.50
C THR A 584 -9.20 24.68 -3.32
N ALA A 585 -9.75 24.13 -4.45
CA ALA A 585 -10.96 23.30 -4.48
C ALA A 585 -10.74 22.05 -3.63
N MET A 586 -9.77 21.19 -4.02
CA MET A 586 -9.40 19.97 -3.30
C MET A 586 -8.85 20.29 -1.93
N LEU A 587 -8.12 21.43 -1.81
CA LEU A 587 -7.59 21.93 -0.55
C LEU A 587 -8.73 22.21 0.43
N HIS A 588 -9.96 22.38 -0.11
CA HIS A 588 -11.17 22.58 0.67
C HIS A 588 -11.77 21.23 1.08
N ASP A 589 -11.76 20.21 0.17
CA ASP A 589 -12.24 18.85 0.45
C ASP A 589 -11.42 18.25 1.55
N PHE A 590 -10.07 18.32 1.42
CA PHE A 590 -9.14 17.83 2.42
C PHE A 590 -9.42 18.44 3.79
N THR A 591 -9.89 19.71 3.83
CA THR A 591 -10.23 20.39 5.08
C THR A 591 -11.53 19.87 5.70
N GLN A 592 -12.61 19.75 4.89
CA GLN A 592 -13.91 19.20 5.34
C GLN A 592 -13.66 17.82 5.94
N GLN A 593 -12.97 16.96 5.18
CA GLN A 593 -12.59 15.59 5.54
C GLN A 593 -11.87 15.48 6.87
N VAL A 594 -10.76 16.23 7.07
CA VAL A 594 -9.98 16.23 8.33
C VAL A 594 -10.87 16.65 9.52
N GLN A 595 -11.66 17.74 9.37
CA GLN A 595 -12.60 18.22 10.39
C GLN A 595 -13.49 17.07 10.84
N VAL A 596 -14.21 16.43 9.87
CA VAL A 596 -15.13 15.31 10.07
C VAL A 596 -14.47 14.13 10.78
N ILE A 597 -13.37 13.58 10.21
CA ILE A 597 -12.64 12.43 10.77
C ILE A 597 -12.15 12.63 12.20
N GLU A 598 -11.59 13.81 12.53
CA GLU A 598 -11.09 14.14 13.87
C GLU A 598 -12.20 14.22 14.91
N MET A 599 -13.38 14.74 14.51
CA MET A 599 -14.58 14.82 15.35
C MET A 599 -15.00 13.40 15.72
N LEU A 600 -15.02 12.51 14.71
CA LEU A 600 -15.43 11.12 14.81
C LEU A 600 -14.45 10.21 15.55
N GLN A 601 -13.15 10.53 15.51
CA GLN A 601 -12.12 9.77 16.23
C GLN A 601 -12.24 10.10 17.71
N LYS A 602 -12.61 11.36 18.03
CA LYS A 602 -12.83 11.83 19.40
C LYS A 602 -13.95 10.99 20.03
N VAL A 603 -15.07 10.83 19.29
CA VAL A 603 -16.25 10.03 19.68
C VAL A 603 -15.80 8.56 19.87
N THR A 604 -14.98 8.02 18.94
CA THR A 604 -14.45 6.65 19.00
C THR A 604 -13.73 6.38 20.31
N LEU A 605 -12.72 7.20 20.61
CA LEU A 605 -11.85 7.13 21.78
C LEU A 605 -12.63 7.33 23.08
N ASP A 606 -13.54 8.32 23.13
CA ASP A 606 -14.35 8.59 24.31
C ASP A 606 -15.25 7.42 24.69
N ILE A 607 -16.05 6.90 23.73
CA ILE A 607 -16.96 5.75 23.91
C ILE A 607 -16.16 4.51 24.32
N LYS A 608 -14.93 4.38 23.79
CA LYS A 608 -14.01 3.28 24.10
C LYS A 608 -13.71 3.26 25.62
N SER A 609 -13.61 4.45 26.24
CA SER A 609 -13.34 4.65 27.68
C SER A 609 -14.47 4.14 28.58
N LEU A 610 -15.75 4.45 28.24
CA LEU A 610 -16.93 4.04 29.03
C LEU A 610 -17.23 2.54 28.87
N SER A 611 -16.24 1.68 29.23
CA SER A 611 -16.31 0.22 29.13
C SER A 611 -15.15 -0.43 29.89
N SER A 618 -23.13 -2.00 26.94
CA SER A 618 -24.24 -1.68 27.84
C SER A 618 -25.17 -0.62 27.24
N SER A 619 -26.48 -0.68 27.61
CA SER A 619 -27.52 0.26 27.16
C SER A 619 -27.16 1.72 27.40
N GLN A 620 -26.41 1.98 28.49
CA GLN A 620 -25.92 3.29 28.86
C GLN A 620 -25.01 3.88 27.78
N VAL A 621 -24.13 3.05 27.17
CA VAL A 621 -23.21 3.44 26.08
C VAL A 621 -24.02 3.93 24.86
N ILE A 622 -25.13 3.22 24.54
CA ILE A 622 -26.08 3.52 23.47
C ILE A 622 -26.66 4.93 23.68
N SER A 623 -26.62 5.47 24.93
CA SER A 623 -27.10 6.81 25.23
C SER A 623 -26.15 7.87 24.65
N GLN A 624 -24.94 8.04 25.22
CA GLN A 624 -23.88 9.01 24.85
C GLN A 624 -23.59 9.08 23.38
N LEU A 625 -23.34 7.92 22.74
CA LEU A 625 -23.04 7.81 21.32
C LEU A 625 -24.03 8.66 20.53
N LYS A 626 -25.32 8.26 20.55
CA LYS A 626 -26.43 8.94 19.86
C LYS A 626 -26.46 10.41 20.23
N GLN A 627 -26.22 10.75 21.53
CA GLN A 627 -26.17 12.11 22.08
C GLN A 627 -25.06 12.95 21.42
N LYS A 628 -23.81 12.45 21.41
CA LYS A 628 -22.66 13.14 20.80
C LYS A 628 -22.88 13.29 19.29
N LEU A 629 -23.49 12.26 18.66
CA LEU A 629 -23.83 12.24 17.23
C LEU A 629 -24.89 13.27 16.88
N GLU A 630 -25.46 13.94 17.90
CA GLU A 630 -26.44 15.01 17.74
C GLU A 630 -25.71 16.35 17.77
N ASN A 631 -24.74 16.50 18.73
CA ASN A 631 -23.93 17.71 18.94
C ASN A 631 -23.15 18.01 17.68
N LEU A 632 -22.25 17.08 17.27
CA LEU A 632 -21.43 17.21 16.06
C LEU A 632 -22.30 17.48 14.83
N GLN A 633 -23.55 16.96 14.83
CA GLN A 633 -24.51 17.17 13.75
C GLN A 633 -25.13 18.61 13.73
N ASN A 634 -24.47 19.58 14.40
CA ASN A 634 -24.94 20.96 14.41
C ASN A 634 -24.02 21.89 13.61
N SER A 635 -23.57 22.99 14.24
CA SER A 635 -22.72 24.04 13.67
C SER A 635 -21.21 23.72 13.78
N GLN A 636 -20.86 22.42 13.76
CA GLN A 636 -19.48 21.94 13.91
C GLN A 636 -19.10 21.16 12.65
N LEU A 637 -19.89 20.12 12.33
CA LEU A 637 -19.70 19.28 11.16
C LEU A 637 -20.36 19.92 9.95
N PRO A 638 -19.62 20.04 8.81
CA PRO A 638 -20.21 20.62 7.60
C PRO A 638 -21.32 19.75 7.01
N GLU A 639 -22.02 20.27 5.99
CA GLU A 639 -23.13 19.60 5.31
C GLU A 639 -22.80 18.21 4.85
N SER A 640 -21.59 18.03 4.30
CA SER A 640 -21.10 16.76 3.77
C SER A 640 -19.58 16.64 3.79
N PHE A 641 -19.04 15.68 3.01
CA PHE A 641 -17.62 15.35 2.85
C PHE A 641 -17.44 14.12 1.98
N ARG A 642 -16.28 14.04 1.30
CA ARG A 642 -15.90 12.91 0.47
C ARG A 642 -15.52 11.75 1.34
N VAL A 643 -15.98 10.56 0.97
CA VAL A 643 -15.68 9.34 1.69
C VAL A 643 -14.20 9.01 1.39
N PRO A 644 -13.29 9.12 2.39
CA PRO A 644 -11.85 8.89 2.12
C PRO A 644 -11.43 7.61 1.38
N TYR A 645 -12.22 6.53 1.42
CA TYR A 645 -11.90 5.29 0.71
C TYR A 645 -12.63 5.20 -0.63
N ASP A 646 -13.51 6.18 -0.90
CA ASP A 646 -14.30 6.29 -2.11
C ASP A 646 -14.52 7.77 -2.39
N PRO A 647 -13.50 8.43 -3.01
CA PRO A 647 -13.57 9.89 -3.24
C PRO A 647 -14.72 10.39 -4.11
N GLY A 648 -15.32 9.49 -4.87
CA GLY A 648 -16.46 9.81 -5.72
C GLY A 648 -17.76 9.94 -4.94
N LEU A 649 -17.79 9.49 -3.66
CA LEU A 649 -18.97 9.54 -2.80
C LEU A 649 -18.93 10.70 -1.82
N LYS A 650 -20.06 11.41 -1.70
CA LYS A 650 -20.24 12.50 -0.73
C LYS A 650 -21.23 12.04 0.35
N ALA A 651 -20.78 12.00 1.62
CA ALA A 651 -21.61 11.57 2.75
C ALA A 651 -22.33 12.76 3.36
N GLY A 652 -23.64 12.63 3.58
CA GLY A 652 -24.47 13.70 4.11
C GLY A 652 -24.66 13.66 5.61
N ALA A 653 -25.94 13.67 6.01
CA ALA A 653 -26.34 13.65 7.40
C ALA A 653 -26.09 12.27 8.01
N LEU A 654 -25.88 12.21 9.33
CA LEU A 654 -25.65 10.96 10.05
C LEU A 654 -27.01 10.35 10.40
N ALA A 655 -27.29 9.11 9.92
CA ALA A 655 -28.53 8.40 10.24
C ALA A 655 -28.37 7.89 11.68
N ILE A 656 -28.44 8.84 12.65
CA ILE A 656 -28.27 8.66 14.11
C ILE A 656 -28.99 7.43 14.64
N GLU A 657 -30.20 7.18 14.12
CA GLU A 657 -31.05 6.02 14.42
C GLU A 657 -30.35 4.68 14.14
N LYS A 658 -29.54 4.62 13.06
CA LYS A 658 -28.81 3.43 12.59
C LYS A 658 -27.39 3.29 13.18
N CYS A 659 -26.77 4.39 13.67
CA CYS A 659 -25.43 4.38 14.27
C CYS A 659 -25.44 3.60 15.59
N LYS A 660 -24.30 2.99 15.96
CA LYS A 660 -24.18 2.16 17.17
C LYS A 660 -22.75 1.73 17.50
N VAL A 661 -22.55 1.21 18.73
CA VAL A 661 -21.27 0.65 19.18
C VAL A 661 -21.35 -0.84 18.87
N MET A 662 -20.22 -1.46 18.54
CA MET A 662 -20.17 -2.89 18.26
C MET A 662 -19.64 -3.69 19.44
N ALA A 663 -20.19 -4.90 19.63
CA ALA A 663 -19.84 -5.83 20.71
C ALA A 663 -18.47 -6.48 20.47
N SER A 664 -17.43 -5.65 20.43
CA SER A 664 -16.06 -6.09 20.24
C SER A 664 -15.28 -5.76 21.52
N LYS A 665 -14.08 -6.36 21.70
CA LYS A 665 -13.19 -6.09 22.86
C LYS A 665 -12.96 -4.57 22.91
N LYS A 666 -12.76 -3.97 21.72
CA LYS A 666 -12.66 -2.54 21.43
C LYS A 666 -14.06 -2.09 21.04
N LYS A 667 -14.39 -0.81 21.17
CA LYS A 667 -15.76 -0.42 20.83
C LYS A 667 -15.81 0.41 19.54
N PRO A 668 -15.80 -0.24 18.33
CA PRO A 668 -15.86 0.56 17.09
C PRO A 668 -17.26 1.10 16.85
N LEU A 669 -17.35 2.34 16.35
CA LEU A 669 -18.63 2.96 16.03
C LEU A 669 -19.10 2.35 14.72
N TRP A 670 -20.40 2.14 14.60
CA TRP A 670 -21.03 1.68 13.36
C TRP A 670 -21.79 2.90 12.87
N LEU A 671 -21.14 3.76 12.11
CA LEU A 671 -21.77 4.97 11.62
C LEU A 671 -22.42 4.76 10.27
N GLU A 672 -23.48 5.53 10.01
CA GLU A 672 -24.25 5.48 8.76
C GLU A 672 -24.66 6.88 8.36
N PHE A 673 -24.44 7.23 7.09
CA PHE A 673 -24.73 8.56 6.56
C PHE A 673 -25.63 8.49 5.36
N LYS A 674 -26.41 9.54 5.12
CA LYS A 674 -27.23 9.61 3.90
C LYS A 674 -26.30 10.09 2.81
N CYS A 675 -26.50 9.67 1.55
CA CYS A 675 -25.66 10.19 0.48
C CYS A 675 -26.00 11.68 0.38
N ALA A 676 -24.99 12.55 0.40
CA ALA A 676 -25.18 14.00 0.34
C ALA A 676 -25.46 14.49 -1.07
N ASP A 677 -25.88 13.60 -1.98
CA ASP A 677 -26.15 13.98 -3.35
C ASP A 677 -27.57 13.65 -3.80
N PRO A 678 -28.35 14.69 -4.17
CA PRO A 678 -29.72 14.48 -4.65
C PRO A 678 -29.86 13.51 -5.83
N THR A 679 -29.01 13.66 -6.87
CA THR A 679 -28.99 12.82 -8.08
C THR A 679 -28.87 11.32 -7.79
N ALA A 680 -28.53 10.96 -6.53
CA ALA A 680 -28.40 9.59 -6.05
C ALA A 680 -29.64 8.81 -6.42
N LEU A 681 -29.44 7.74 -7.18
CA LEU A 681 -30.51 6.86 -7.67
C LEU A 681 -31.15 5.99 -6.57
N SER A 682 -30.73 6.17 -5.30
CA SER A 682 -31.23 5.37 -4.19
C SER A 682 -31.30 6.17 -2.87
N ASN A 683 -31.57 5.47 -1.77
CA ASN A 683 -31.67 6.02 -0.42
C ASN A 683 -30.79 5.29 0.58
N GLU A 684 -30.07 4.24 0.10
CA GLU A 684 -29.14 3.43 0.89
C GLU A 684 -28.12 4.35 1.54
N THR A 685 -27.82 4.09 2.81
CA THR A 685 -26.86 4.91 3.53
C THR A 685 -25.42 4.52 3.20
N ILE A 686 -24.47 5.34 3.64
CA ILE A 686 -23.03 5.11 3.52
C ILE A 686 -22.59 4.62 4.90
N GLY A 687 -22.16 3.36 4.96
CA GLY A 687 -21.76 2.73 6.21
C GLY A 687 -20.27 2.72 6.47
N ILE A 688 -19.84 3.42 7.54
CA ILE A 688 -18.44 3.44 7.96
C ILE A 688 -18.31 2.95 9.39
N ILE A 689 -17.26 2.12 9.63
CA ILE A 689 -16.86 1.63 10.95
C ILE A 689 -15.65 2.46 11.36
N PHE A 690 -15.69 3.08 12.56
CA PHE A 690 -14.57 3.83 13.10
C PHE A 690 -13.95 3.01 14.19
N LYS A 691 -12.64 2.69 14.09
CA LYS A 691 -12.03 1.85 15.10
C LYS A 691 -10.63 2.22 15.54
N HIS A 692 -10.39 2.10 16.85
CA HIS A 692 -9.13 2.26 17.54
C HIS A 692 -8.77 0.90 18.16
N GLY A 693 -7.50 0.51 18.10
CA GLY A 693 -7.04 -0.74 18.70
C GLY A 693 -6.32 -1.71 17.80
N ASP A 694 -6.66 -1.73 16.50
CA ASP A 694 -6.03 -2.58 15.49
C ASP A 694 -5.21 -1.72 14.55
N ASP A 695 -4.06 -2.23 14.09
CA ASP A 695 -3.25 -1.48 13.14
C ASP A 695 -3.82 -1.66 11.74
N LEU A 696 -4.54 -0.63 11.29
CA LEU A 696 -5.24 -0.57 10.01
C LEU A 696 -4.33 -0.44 8.79
N ARG A 697 -3.04 -0.10 9.00
CA ARG A 697 -2.04 0.02 7.93
C ARG A 697 -1.80 -1.34 7.29
N GLN A 698 -1.76 -2.40 8.12
CA GLN A 698 -1.59 -3.79 7.71
C GLN A 698 -2.76 -4.24 6.83
N ASP A 699 -4.01 -3.84 7.20
CA ASP A 699 -5.21 -4.16 6.44
C ASP A 699 -5.16 -3.50 5.08
N MET A 700 -4.73 -2.22 5.02
CA MET A 700 -4.56 -1.46 3.77
C MET A 700 -3.63 -2.21 2.82
N LEU A 701 -2.44 -2.61 3.31
CA LEU A 701 -1.42 -3.35 2.56
C LEU A 701 -1.98 -4.60 1.88
N ILE A 702 -2.59 -5.53 2.69
CA ILE A 702 -3.21 -6.79 2.24
C ILE A 702 -4.35 -6.53 1.27
N LEU A 703 -5.26 -5.59 1.63
CA LEU A 703 -6.40 -5.17 0.81
C LEU A 703 -5.90 -4.71 -0.55
N GLN A 704 -4.77 -3.97 -0.57
CA GLN A 704 -4.14 -3.48 -1.79
C GLN A 704 -3.51 -4.61 -2.60
N ILE A 705 -2.93 -5.62 -1.92
CA ILE A 705 -2.37 -6.80 -2.58
C ILE A 705 -3.54 -7.58 -3.24
N LEU A 706 -4.73 -7.59 -2.58
CA LEU A 706 -5.95 -8.24 -3.06
C LEU A 706 -6.45 -7.64 -4.35
N ARG A 707 -6.35 -6.30 -4.51
CA ARG A 707 -6.76 -5.58 -5.73
C ARG A 707 -5.83 -5.94 -6.88
N ILE A 708 -4.54 -6.18 -6.56
CA ILE A 708 -3.51 -6.59 -7.51
C ILE A 708 -3.80 -8.00 -8.00
N MET A 709 -4.15 -8.92 -7.08
CA MET A 709 -4.49 -10.30 -7.42
C MET A 709 -5.75 -10.33 -8.30
N GLU A 710 -6.72 -9.42 -8.03
CA GLU A 710 -7.92 -9.24 -8.84
C GLU A 710 -7.56 -8.71 -10.23
N SER A 711 -6.53 -7.82 -10.29
CA SER A 711 -6.00 -7.22 -11.52
C SER A 711 -5.21 -8.26 -12.32
N ILE A 712 -4.54 -9.22 -11.63
CA ILE A 712 -3.76 -10.31 -12.25
C ILE A 712 -4.74 -11.27 -12.93
N TRP A 713 -5.84 -11.60 -12.23
CA TRP A 713 -6.87 -12.50 -12.72
C TRP A 713 -7.64 -11.97 -13.92
N GLU A 714 -7.75 -10.63 -14.04
CA GLU A 714 -8.40 -9.95 -15.16
C GLU A 714 -7.62 -10.18 -16.48
N THR A 715 -6.26 -10.18 -16.41
CA THR A 715 -5.36 -10.40 -17.57
C THR A 715 -5.60 -11.77 -18.22
N GLU A 716 -6.26 -12.68 -17.48
CA GLU A 716 -6.58 -14.05 -17.89
C GLU A 716 -8.09 -14.31 -17.85
N SER A 717 -8.88 -13.23 -18.02
CA SER A 717 -10.35 -13.21 -18.06
C SER A 717 -11.06 -13.95 -16.92
N LEU A 718 -10.45 -13.94 -15.73
CA LEU A 718 -10.99 -14.57 -14.53
C LEU A 718 -11.53 -13.55 -13.55
N ASP A 719 -12.63 -13.91 -12.89
CA ASP A 719 -13.26 -13.07 -11.86
C ASP A 719 -13.52 -13.94 -10.66
N LEU A 720 -12.64 -13.83 -9.65
CA LEU A 720 -12.70 -14.60 -8.41
C LEU A 720 -13.55 -13.90 -7.35
N CYS A 721 -14.35 -12.91 -7.78
CA CYS A 721 -15.31 -12.14 -7.00
C CYS A 721 -14.84 -11.64 -5.63
N LEU A 722 -13.55 -11.22 -5.49
CA LEU A 722 -13.07 -10.73 -4.19
C LEU A 722 -13.78 -9.43 -3.80
N LEU A 723 -13.78 -9.14 -2.49
CA LEU A 723 -14.36 -7.93 -1.92
C LEU A 723 -13.30 -7.16 -1.09
N PRO A 724 -12.33 -6.49 -1.77
CA PRO A 724 -11.33 -5.71 -1.03
C PRO A 724 -11.96 -4.37 -0.67
N TYR A 725 -12.73 -4.37 0.43
CA TYR A 725 -13.44 -3.22 0.97
C TYR A 725 -12.49 -2.05 1.28
N GLY A 726 -13.03 -0.84 1.27
CA GLY A 726 -12.29 0.37 1.58
C GLY A 726 -11.82 0.35 3.02
N CYS A 727 -10.59 0.83 3.24
CA CYS A 727 -9.97 0.88 4.57
C CYS A 727 -8.90 1.97 4.56
N ILE A 728 -9.09 3.00 5.39
CA ILE A 728 -8.17 4.12 5.49
C ILE A 728 -7.67 4.30 6.92
N SER A 729 -6.35 4.14 7.12
CA SER A 729 -5.68 4.40 8.39
C SER A 729 -5.58 5.93 8.49
N THR A 730 -5.86 6.49 9.68
CA THR A 730 -5.88 7.95 9.84
C THR A 730 -4.93 8.50 10.92
N GLY A 731 -4.48 7.61 11.80
CA GLY A 731 -3.57 7.88 12.90
C GLY A 731 -3.19 6.57 13.56
N ASP A 732 -2.61 6.62 14.78
CA ASP A 732 -2.21 5.39 15.47
C ASP A 732 -3.41 4.58 15.94
N LYS A 733 -3.48 3.28 15.52
CA LYS A 733 -4.53 2.30 15.83
C LYS A 733 -5.92 2.69 15.31
N ILE A 734 -6.09 3.97 15.01
CA ILE A 734 -7.32 4.57 14.55
C ILE A 734 -7.45 4.56 13.01
N GLY A 735 -8.68 4.68 12.54
CA GLY A 735 -9.02 4.69 11.14
C GLY A 735 -10.44 4.22 10.88
N MET A 736 -10.80 4.21 9.60
CA MET A 736 -12.12 3.82 9.15
C MET A 736 -12.14 2.59 8.25
N ILE A 737 -13.34 2.00 8.08
CA ILE A 737 -13.59 0.80 7.28
C ILE A 737 -14.93 0.92 6.55
N GLU A 738 -14.96 0.53 5.27
CA GLU A 738 -16.17 0.50 4.47
C GLU A 738 -17.05 -0.64 4.96
N ILE A 739 -18.33 -0.37 5.20
CA ILE A 739 -19.25 -1.43 5.59
C ILE A 739 -19.78 -2.09 4.33
N VAL A 740 -19.49 -3.39 4.16
CA VAL A 740 -20.03 -4.16 3.04
C VAL A 740 -21.50 -4.36 3.39
N LYS A 741 -22.38 -4.03 2.44
CA LYS A 741 -23.82 -4.13 2.63
C LYS A 741 -24.34 -5.55 2.55
N ASP A 742 -25.36 -5.87 3.39
CA ASP A 742 -26.09 -7.16 3.46
C ASP A 742 -25.20 -8.36 3.81
N ALA A 743 -24.25 -8.18 4.74
CA ALA A 743 -23.32 -9.25 5.08
C ALA A 743 -23.33 -9.67 6.54
N THR A 744 -23.04 -10.95 6.80
CA THR A 744 -22.93 -11.50 8.15
C THR A 744 -21.67 -12.34 8.21
N THR A 745 -21.15 -12.52 9.42
CA THR A 745 -20.00 -13.37 9.70
C THR A 745 -20.49 -14.82 9.56
N ILE A 746 -19.58 -15.74 9.16
CA ILE A 746 -19.86 -17.17 9.03
C ILE A 746 -20.21 -17.76 10.41
N ALA A 747 -19.53 -17.28 11.48
CA ALA A 747 -19.79 -17.68 12.87
C ALA A 747 -21.21 -17.28 13.30
N LYS A 748 -21.66 -16.07 12.94
CA LYS A 748 -23.01 -15.57 13.26
C LYS A 748 -24.10 -16.44 12.65
N ILE A 749 -23.90 -16.88 11.38
CA ILE A 749 -24.78 -17.79 10.64
C ILE A 749 -24.81 -19.15 11.36
N GLN A 750 -23.73 -19.49 12.10
CA GLN A 750 -23.61 -20.71 12.90
C GLN A 750 -24.29 -20.52 14.25
N GLN A 751 -23.97 -19.42 14.98
CA GLN A 751 -24.58 -19.03 16.26
C GLN A 751 -26.11 -18.93 16.10
N SER A 752 -26.57 -18.68 14.86
CA SER A 752 -27.99 -18.57 14.50
C SER A 752 -28.78 -19.86 14.73
N THR A 753 -28.21 -21.03 14.39
CA THR A 753 -28.91 -22.32 14.51
C THR A 753 -28.03 -23.41 15.17
N VAL A 754 -27.26 -23.04 16.22
CA VAL A 754 -26.35 -23.87 17.04
C VAL A 754 -26.13 -23.05 18.32
N GLY A 755 -25.95 -21.74 18.13
CA GLY A 755 -25.78 -20.74 19.18
C GLY A 755 -24.67 -20.95 20.19
N ASN A 756 -23.56 -20.20 20.04
CA ASN A 756 -22.41 -20.20 20.95
C ASN A 756 -22.12 -21.61 21.53
N THR A 757 -21.79 -22.56 20.64
CA THR A 757 -21.56 -23.94 21.04
C THR A 757 -20.26 -24.47 20.47
N GLY A 758 -20.22 -24.64 19.15
CA GLY A 758 -19.08 -25.22 18.45
C GLY A 758 -19.54 -26.42 17.66
N ALA A 759 -20.80 -26.87 17.89
CA ALA A 759 -21.47 -27.98 17.21
C ALA A 759 -21.82 -27.51 15.79
N PHE A 760 -20.79 -27.16 15.03
CA PHE A 760 -20.90 -26.64 13.68
C PHE A 760 -21.66 -27.55 12.74
N LYS A 761 -22.86 -27.10 12.34
CA LYS A 761 -23.73 -27.84 11.44
C LYS A 761 -23.27 -27.57 10.01
N ASP A 762 -22.98 -28.65 9.29
CA ASP A 762 -22.49 -28.67 7.93
C ASP A 762 -23.57 -28.22 6.94
N GLU A 763 -24.82 -28.06 7.42
CA GLU A 763 -25.98 -27.72 6.60
C GLU A 763 -26.52 -26.28 6.71
N VAL A 764 -26.17 -25.55 7.80
CA VAL A 764 -26.64 -24.18 8.09
C VAL A 764 -26.53 -23.18 6.95
N LEU A 765 -25.28 -22.85 6.54
CA LEU A 765 -24.98 -21.84 5.53
C LEU A 765 -25.86 -21.92 4.30
N ASN A 766 -25.96 -23.11 3.66
CA ASN A 766 -26.79 -23.35 2.49
C ASN A 766 -28.27 -23.01 2.72
N HIS A 767 -28.76 -23.16 3.97
CA HIS A 767 -30.14 -22.81 4.35
C HIS A 767 -30.27 -21.31 4.38
N TRP A 768 -29.35 -20.63 5.10
CA TRP A 768 -29.25 -19.18 5.25
C TRP A 768 -29.34 -18.48 3.90
N LEU A 769 -28.69 -19.07 2.88
CA LEU A 769 -28.68 -18.57 1.51
C LEU A 769 -30.05 -18.68 0.85
N LYS A 770 -30.73 -19.84 1.02
CA LYS A 770 -32.08 -20.08 0.50
C LYS A 770 -33.07 -19.15 1.18
N GLU A 771 -32.93 -18.99 2.51
CA GLU A 771 -33.71 -18.10 3.36
C GLU A 771 -33.62 -16.66 2.83
N LYS A 772 -32.43 -16.26 2.34
CA LYS A 772 -32.17 -14.93 1.82
C LYS A 772 -32.49 -14.76 0.34
N SER A 773 -32.44 -15.84 -0.44
CA SER A 773 -32.72 -15.80 -1.87
C SER A 773 -34.18 -15.50 -2.18
N PRO A 774 -34.41 -14.51 -3.08
CA PRO A 774 -35.79 -14.16 -3.46
C PRO A 774 -36.44 -15.22 -4.34
N THR A 775 -35.61 -16.06 -4.99
CA THR A 775 -36.01 -17.15 -5.88
C THR A 775 -35.12 -18.40 -5.64
N GLU A 776 -35.17 -19.36 -6.57
CA GLU A 776 -34.34 -20.56 -6.61
C GLU A 776 -33.20 -20.23 -7.59
N GLU A 777 -33.46 -19.27 -8.49
CA GLU A 777 -32.53 -18.82 -9.53
C GLU A 777 -31.44 -17.94 -8.96
N LYS A 778 -31.81 -16.81 -8.29
CA LYS A 778 -30.87 -15.90 -7.64
C LYS A 778 -30.04 -16.70 -6.66
N PHE A 779 -30.63 -17.80 -6.13
CA PHE A 779 -29.99 -18.78 -5.26
C PHE A 779 -28.81 -19.41 -5.97
N GLN A 780 -28.99 -19.87 -7.23
CA GLN A 780 -27.93 -20.47 -8.04
C GLN A 780 -26.82 -19.48 -8.31
N ALA A 781 -27.17 -18.20 -8.57
CA ALA A 781 -26.21 -17.09 -8.77
C ALA A 781 -25.45 -16.86 -7.45
N ALA A 782 -26.15 -16.99 -6.30
CA ALA A 782 -25.56 -16.88 -4.95
C ALA A 782 -24.62 -18.07 -4.69
N VAL A 783 -24.88 -19.23 -5.32
CA VAL A 783 -24.03 -20.43 -5.23
C VAL A 783 -22.86 -20.17 -6.18
N GLU A 784 -23.15 -19.58 -7.36
CA GLU A 784 -22.20 -19.21 -8.42
C GLU A 784 -21.14 -18.23 -7.90
N ARG A 785 -21.60 -17.18 -7.21
CA ARG A 785 -20.77 -16.14 -6.61
C ARG A 785 -19.94 -16.71 -5.47
N PHE A 786 -20.55 -17.63 -4.67
CA PHE A 786 -19.90 -18.27 -3.53
C PHE A 786 -18.67 -19.06 -3.96
N VAL A 787 -18.85 -20.04 -4.89
CA VAL A 787 -17.81 -20.92 -5.44
C VAL A 787 -16.58 -20.09 -5.88
N TYR A 788 -16.84 -18.94 -6.56
CA TYR A 788 -15.84 -18.01 -7.05
C TYR A 788 -15.12 -17.29 -5.92
N SER A 789 -15.86 -16.47 -5.14
CA SER A 789 -15.34 -15.71 -4.01
C SER A 789 -14.55 -16.61 -3.06
N CYS A 790 -15.15 -17.78 -2.69
CA CYS A 790 -14.51 -18.79 -1.83
C CYS A 790 -13.16 -19.21 -2.39
N ALA A 791 -13.10 -19.64 -3.66
CA ALA A 791 -11.86 -20.03 -4.35
C ALA A 791 -10.86 -18.87 -4.38
N GLY A 792 -11.33 -17.68 -4.76
CA GLY A 792 -10.54 -16.46 -4.83
C GLY A 792 -9.80 -16.17 -3.54
N TYR A 793 -10.51 -16.20 -2.40
CA TYR A 793 -9.93 -16.00 -1.07
C TYR A 793 -9.12 -17.19 -0.67
N CYS A 794 -9.56 -18.42 -1.03
CA CYS A 794 -8.84 -19.67 -0.73
C CYS A 794 -7.39 -19.59 -1.24
N VAL A 795 -7.20 -19.15 -2.50
CA VAL A 795 -5.88 -19.02 -3.14
C VAL A 795 -5.08 -17.84 -2.55
N ALA A 796 -5.64 -16.61 -2.67
CA ALA A 796 -5.09 -15.33 -2.22
C ALA A 796 -4.66 -15.36 -0.76
N THR A 797 -5.49 -15.99 0.10
CA THR A 797 -5.22 -16.14 1.53
C THR A 797 -4.06 -17.09 1.75
N PHE A 798 -4.03 -18.21 0.99
CA PHE A 798 -2.98 -19.21 1.06
C PHE A 798 -1.61 -18.63 0.70
N VAL A 799 -1.52 -17.92 -0.45
CA VAL A 799 -0.29 -17.25 -0.95
C VAL A 799 0.29 -16.32 0.12
N LEU A 800 -0.56 -15.47 0.72
CA LEU A 800 -0.16 -14.52 1.76
C LEU A 800 0.12 -15.12 3.14
N GLY A 801 -0.27 -16.38 3.34
CA GLY A 801 -0.06 -17.08 4.60
C GLY A 801 -0.90 -16.53 5.71
N ILE A 802 -2.17 -16.26 5.38
CA ILE A 802 -3.20 -15.73 6.28
C ILE A 802 -4.48 -16.56 6.06
N GLY A 803 -4.28 -17.78 5.54
CA GLY A 803 -5.34 -18.73 5.24
C GLY A 803 -6.01 -19.32 6.46
N ASP A 804 -5.21 -19.69 7.47
CA ASP A 804 -5.75 -20.25 8.69
C ASP A 804 -6.39 -19.17 9.55
N ARG A 805 -7.63 -18.83 9.20
CA ARG A 805 -8.39 -17.81 9.88
C ARG A 805 -9.51 -18.33 10.75
N HIS A 806 -9.93 -17.45 11.65
CA HIS A 806 -10.98 -17.60 12.62
C HIS A 806 -12.32 -17.56 11.88
N ASN A 807 -13.35 -18.24 12.39
CA ASN A 807 -14.67 -18.29 11.74
C ASN A 807 -15.41 -16.98 11.81
N ASP A 808 -15.19 -16.24 12.91
CA ASP A 808 -15.77 -14.94 13.16
C ASP A 808 -15.17 -13.88 12.22
N ASN A 809 -13.96 -14.16 11.73
CA ASN A 809 -13.22 -13.26 10.85
C ASN A 809 -13.48 -13.49 9.36
N ILE A 810 -14.57 -14.19 9.02
CA ILE A 810 -14.97 -14.46 7.64
C ILE A 810 -16.43 -14.11 7.48
N MET A 811 -16.76 -13.41 6.39
CA MET A 811 -18.12 -12.96 6.10
C MET A 811 -18.62 -13.37 4.73
N ILE A 812 -19.95 -13.38 4.59
CA ILE A 812 -20.67 -13.65 3.34
C ILE A 812 -21.77 -12.61 3.18
N THR A 813 -22.11 -12.28 1.94
CA THR A 813 -23.21 -11.37 1.66
C THR A 813 -24.45 -12.22 1.35
N GLU A 814 -25.65 -11.65 1.56
CA GLU A 814 -26.96 -12.26 1.27
C GLU A 814 -27.12 -12.57 -0.22
N THR A 815 -26.01 -12.45 -0.99
CA THR A 815 -25.93 -12.67 -2.43
C THR A 815 -24.86 -13.67 -2.86
N GLY A 816 -24.22 -14.32 -1.88
CA GLY A 816 -23.19 -15.31 -2.12
C GLY A 816 -21.75 -14.85 -2.01
N ASN A 817 -21.51 -13.54 -1.92
CA ASN A 817 -20.14 -13.05 -1.84
C ASN A 817 -19.45 -13.26 -0.50
N LEU A 818 -18.46 -14.16 -0.48
CA LEU A 818 -17.64 -14.42 0.69
C LEU A 818 -16.44 -13.47 0.66
N PHE A 819 -15.88 -13.16 1.85
CA PHE A 819 -14.73 -12.28 2.04
C PHE A 819 -14.19 -12.29 3.46
N HIS A 820 -12.85 -12.25 3.60
CA HIS A 820 -12.21 -12.19 4.91
C HIS A 820 -12.15 -10.73 5.34
N ILE A 821 -11.89 -10.51 6.62
CA ILE A 821 -11.80 -9.20 7.28
C ILE A 821 -10.67 -9.29 8.29
N ASP A 822 -10.50 -8.24 9.12
CA ASP A 822 -9.52 -8.14 10.20
C ASP A 822 -8.16 -8.74 9.85
N PHE A 823 -7.57 -8.34 8.71
CA PHE A 823 -6.25 -8.86 8.35
C PHE A 823 -5.19 -8.37 9.33
N GLY A 824 -5.42 -7.20 9.92
CA GLY A 824 -4.54 -6.65 10.93
C GLY A 824 -4.68 -7.32 12.28
N HIS A 825 -5.45 -8.44 12.35
CA HIS A 825 -5.66 -9.21 13.56
C HIS A 825 -4.60 -10.30 13.71
N ILE A 826 -4.44 -11.14 12.67
CA ILE A 826 -3.44 -12.21 12.60
C ILE A 826 -2.05 -11.65 12.41
N LEU A 827 -1.86 -10.77 11.41
CA LEU A 827 -0.57 -10.13 11.16
C LEU A 827 -0.16 -9.29 12.37
N GLY A 828 -1.14 -8.89 13.16
CA GLY A 828 -0.97 -8.06 14.35
C GLY A 828 -0.65 -8.75 15.66
N ASN A 829 -0.24 -10.06 15.66
CA ASN A 829 0.13 -10.85 16.85
C ASN A 829 0.48 -12.34 16.60
N TYR A 830 -0.02 -12.91 15.50
CA TYR A 830 0.18 -14.32 15.10
C TYR A 830 1.66 -14.66 14.94
N GLU A 839 -2.46 -27.80 15.59
CA GLU A 839 -2.84 -28.17 14.22
C GLU A 839 -3.22 -26.95 13.39
N ARG A 840 -3.09 -27.09 12.05
CA ARG A 840 -3.28 -25.96 11.17
C ARG A 840 -3.86 -26.37 9.88
N VAL A 841 -4.11 -25.38 9.06
CA VAL A 841 -4.73 -25.64 7.79
C VAL A 841 -4.21 -24.63 6.81
N PRO A 842 -4.09 -25.04 5.54
CA PRO A 842 -3.83 -24.08 4.46
C PRO A 842 -4.70 -22.84 4.68
N PHE A 843 -6.01 -23.01 4.47
CA PHE A 843 -6.97 -21.92 4.62
C PHE A 843 -8.20 -22.41 5.26
N VAL A 844 -9.32 -22.14 4.62
CA VAL A 844 -10.62 -22.43 5.14
C VAL A 844 -11.54 -22.92 4.04
N LEU A 845 -11.76 -24.23 4.04
CA LEU A 845 -12.69 -24.85 3.12
C LEU A 845 -13.55 -25.80 3.93
N THR A 846 -14.23 -25.21 4.92
CA THR A 846 -15.09 -25.85 5.91
C THR A 846 -16.24 -26.70 5.34
N PRO A 847 -16.77 -27.65 6.15
CA PRO A 847 -17.88 -28.51 5.68
C PRO A 847 -19.13 -27.74 5.26
N ASP A 848 -19.44 -26.60 5.92
CA ASP A 848 -20.58 -25.74 5.58
C ASP A 848 -20.40 -25.12 4.19
N PHE A 849 -19.14 -24.83 3.80
CA PHE A 849 -18.77 -24.28 2.49
C PHE A 849 -18.97 -25.33 1.41
N LEU A 850 -18.42 -26.53 1.66
CA LEU A 850 -18.49 -27.68 0.76
C LEU A 850 -19.90 -28.20 0.56
N PHE A 851 -20.76 -28.05 1.58
CA PHE A 851 -22.16 -28.44 1.51
C PHE A 851 -22.92 -27.54 0.52
N VAL A 852 -22.49 -26.28 0.37
CA VAL A 852 -23.04 -25.31 -0.57
C VAL A 852 -22.58 -25.72 -1.99
N MET A 853 -21.46 -26.46 -2.06
CA MET A 853 -20.88 -26.95 -3.30
C MET A 853 -21.32 -28.40 -3.60
N GLY A 854 -22.51 -28.77 -3.12
CA GLY A 854 -23.16 -30.07 -3.32
C GLY A 854 -22.42 -31.31 -2.85
N THR A 855 -21.22 -31.13 -2.25
CA THR A 855 -20.38 -32.21 -1.74
C THR A 855 -20.65 -32.46 -0.24
N SER A 856 -20.14 -33.59 0.27
CA SER A 856 -20.25 -34.03 1.66
C SER A 856 -19.04 -34.90 1.99
N GLY A 857 -18.39 -34.61 3.13
CA GLY A 857 -17.22 -35.33 3.64
C GLY A 857 -16.18 -35.64 2.58
N LYS A 858 -16.21 -36.88 2.05
CA LYS A 858 -15.33 -37.38 0.99
C LYS A 858 -16.12 -37.82 -0.25
N LYS A 859 -16.84 -36.87 -0.85
CA LYS A 859 -17.66 -37.06 -2.05
C LYS A 859 -17.11 -36.12 -3.16
N THR A 860 -17.96 -35.73 -4.13
CA THR A 860 -17.67 -34.85 -5.27
C THR A 860 -19.02 -34.46 -5.88
N SER A 861 -19.05 -33.34 -6.61
CA SER A 861 -20.21 -32.81 -7.30
C SER A 861 -19.76 -31.86 -8.43
N PRO A 862 -20.65 -31.46 -9.38
CA PRO A 862 -20.23 -30.55 -10.46
C PRO A 862 -19.66 -29.21 -9.97
N HIS A 863 -20.31 -28.58 -8.96
CA HIS A 863 -19.93 -27.30 -8.35
C HIS A 863 -18.55 -27.35 -7.71
N PHE A 864 -18.25 -28.45 -6.99
CA PHE A 864 -16.95 -28.66 -6.34
C PHE A 864 -15.82 -28.88 -7.34
N GLN A 865 -16.09 -29.65 -8.41
CA GLN A 865 -15.12 -29.91 -9.48
C GLN A 865 -14.77 -28.58 -10.12
N LYS A 866 -15.81 -27.74 -10.33
CA LYS A 866 -15.73 -26.38 -10.85
C LYS A 866 -14.85 -25.57 -9.88
N PHE A 867 -15.14 -25.65 -8.55
CA PHE A 867 -14.37 -24.99 -7.48
C PHE A 867 -12.87 -25.24 -7.65
N GLN A 868 -12.47 -26.53 -7.72
CA GLN A 868 -11.08 -26.96 -7.89
C GLN A 868 -10.50 -26.46 -9.20
N ASP A 869 -11.29 -26.48 -10.29
CA ASP A 869 -10.85 -25.98 -11.60
C ASP A 869 -10.66 -24.45 -11.60
N ILE A 870 -11.35 -23.72 -10.69
CA ILE A 870 -11.22 -22.26 -10.55
C ILE A 870 -9.96 -21.96 -9.74
N CYS A 871 -9.72 -22.76 -8.69
CA CYS A 871 -8.57 -22.67 -7.79
C CYS A 871 -7.26 -22.95 -8.54
N VAL A 872 -7.31 -23.86 -9.53
CA VAL A 872 -6.17 -24.24 -10.35
C VAL A 872 -5.82 -23.12 -11.32
N LYS A 873 -6.83 -22.59 -12.05
CA LYS A 873 -6.66 -21.49 -12.99
C LYS A 873 -6.09 -20.27 -12.24
N ALA A 874 -6.75 -19.87 -11.12
CA ALA A 874 -6.37 -18.76 -10.25
C ALA A 874 -4.98 -18.94 -9.66
N TYR A 875 -4.73 -20.08 -8.97
CA TYR A 875 -3.44 -20.37 -8.36
C TYR A 875 -2.27 -20.25 -9.33
N LEU A 876 -2.35 -20.94 -10.49
CA LEU A 876 -1.34 -20.90 -11.54
C LEU A 876 -1.20 -19.51 -12.13
N ALA A 877 -2.34 -18.79 -12.35
CA ALA A 877 -2.37 -17.42 -12.88
C ALA A 877 -1.53 -16.43 -12.05
N LEU A 878 -1.47 -16.65 -10.71
CA LEU A 878 -0.67 -15.82 -9.80
C LEU A 878 0.82 -16.22 -9.87
N ARG A 879 1.09 -17.50 -10.19
CA ARG A 879 2.46 -18.02 -10.30
C ARG A 879 3.19 -17.45 -11.52
N HIS A 880 2.43 -17.00 -12.53
CA HIS A 880 2.94 -16.32 -13.73
C HIS A 880 3.40 -14.89 -13.35
N HIS A 881 3.25 -14.53 -12.06
CA HIS A 881 3.60 -13.23 -11.47
C HIS A 881 4.31 -13.42 -10.12
N THR A 882 5.05 -14.55 -9.98
CA THR A 882 5.80 -14.93 -8.79
C THR A 882 6.64 -13.77 -8.27
N ASN A 883 7.60 -13.31 -9.10
CA ASN A 883 8.52 -12.22 -8.78
C ASN A 883 7.81 -10.97 -8.25
N LEU A 884 6.71 -10.55 -8.92
CA LEU A 884 5.89 -9.40 -8.52
C LEU A 884 5.34 -9.59 -7.10
N LEU A 885 4.65 -10.71 -6.87
CA LEU A 885 4.05 -11.02 -5.57
C LEU A 885 5.06 -11.13 -4.45
N ILE A 886 6.22 -11.76 -4.73
CA ILE A 886 7.36 -11.89 -3.82
C ILE A 886 7.86 -10.50 -3.40
N ILE A 887 8.07 -9.56 -4.36
CA ILE A 887 8.53 -8.20 -4.09
C ILE A 887 7.54 -7.39 -3.25
N LEU A 888 6.25 -7.50 -3.57
CA LEU A 888 5.19 -6.81 -2.85
C LEU A 888 5.08 -7.32 -1.43
N PHE A 889 5.07 -8.66 -1.26
CA PHE A 889 5.01 -9.34 0.02
C PHE A 889 6.21 -8.92 0.86
N SER A 890 7.40 -8.98 0.26
CA SER A 890 8.69 -8.64 0.85
C SER A 890 8.69 -7.18 1.31
N MET A 891 8.25 -6.24 0.44
CA MET A 891 8.17 -4.81 0.74
C MET A 891 7.18 -4.50 1.86
N MET A 892 6.00 -5.15 1.81
CA MET A 892 4.92 -5.05 2.79
C MET A 892 5.41 -5.41 4.20
N LEU A 893 6.15 -6.53 4.36
CA LEU A 893 6.66 -6.95 5.66
C LEU A 893 7.71 -5.99 6.22
N MET A 894 8.51 -5.38 5.34
CA MET A 894 9.55 -4.43 5.75
C MET A 894 8.98 -3.06 6.12
N THR A 895 7.83 -2.68 5.54
CA THR A 895 7.24 -1.35 5.75
C THR A 895 5.94 -1.30 6.57
N GLY A 896 5.28 -2.44 6.76
CA GLY A 896 4.00 -2.48 7.45
C GLY A 896 3.81 -3.46 8.58
N MET A 897 4.55 -4.60 8.54
CA MET A 897 4.48 -5.65 9.57
C MET A 897 5.75 -5.57 10.44
N PRO A 898 5.86 -4.56 11.36
CA PRO A 898 7.08 -4.45 12.18
C PRO A 898 7.21 -5.58 13.17
N GLN A 899 8.46 -5.93 13.55
CA GLN A 899 8.78 -7.03 14.48
C GLN A 899 8.54 -8.40 13.82
N LEU A 900 7.60 -8.46 12.85
CA LEU A 900 7.21 -9.64 12.06
C LEU A 900 8.01 -9.66 10.74
N THR A 901 9.33 -9.47 10.82
CA THR A 901 10.17 -9.52 9.63
C THR A 901 11.03 -10.76 9.61
N SER A 902 11.86 -10.95 10.68
CA SER A 902 12.84 -12.02 10.86
C SER A 902 13.64 -12.25 9.57
N LYS A 903 13.05 -12.99 8.60
CA LYS A 903 13.50 -13.37 7.26
C LYS A 903 12.70 -14.59 6.82
N GLU A 904 12.57 -15.59 7.73
CA GLU A 904 11.85 -16.84 7.58
C GLU A 904 10.36 -16.55 7.34
N ASP A 905 9.95 -15.31 7.65
CA ASP A 905 8.61 -14.79 7.42
C ASP A 905 8.48 -14.44 5.95
N ILE A 906 9.46 -13.69 5.38
CA ILE A 906 9.51 -13.30 3.95
C ILE A 906 9.50 -14.56 3.09
N GLU A 907 10.42 -15.48 3.40
CA GLU A 907 10.65 -16.77 2.75
C GLU A 907 9.39 -17.59 2.53
N TYR A 908 8.39 -17.43 3.44
CA TYR A 908 7.11 -18.13 3.36
C TYR A 908 6.53 -18.13 1.94
N ILE A 909 6.39 -16.92 1.32
CA ILE A 909 5.81 -16.72 0.00
C ILE A 909 6.45 -17.52 -1.15
N ARG A 910 7.73 -17.87 -1.01
CA ARG A 910 8.46 -18.66 -2.00
C ARG A 910 7.83 -20.05 -2.09
N ASP A 911 7.69 -20.71 -0.92
CA ASP A 911 7.09 -22.05 -0.74
C ASP A 911 5.61 -22.07 -1.11
N ALA A 912 4.83 -21.03 -0.70
CA ALA A 912 3.41 -20.91 -1.01
C ALA A 912 3.21 -20.89 -2.53
N LEU A 913 4.01 -20.05 -3.24
CA LEU A 913 3.99 -19.95 -4.71
C LEU A 913 4.69 -21.11 -5.39
N THR A 914 5.25 -22.06 -4.59
CA THR A 914 5.94 -23.26 -5.06
C THR A 914 6.91 -22.93 -6.20
N VAL A 915 7.90 -22.07 -5.88
CA VAL A 915 8.90 -21.58 -6.82
C VAL A 915 9.83 -22.70 -7.33
N GLY A 916 10.12 -22.67 -8.62
CA GLY A 916 10.95 -23.64 -9.32
C GLY A 916 10.17 -24.78 -9.94
N LYS A 917 9.01 -25.06 -9.36
CA LYS A 917 8.12 -26.13 -9.77
C LYS A 917 7.39 -25.84 -11.06
N ASN A 918 7.12 -26.90 -11.82
CA ASN A 918 6.37 -26.82 -13.06
C ASN A 918 4.90 -26.72 -12.68
N GLU A 919 4.05 -26.23 -13.62
CA GLU A 919 2.61 -26.09 -13.41
C GLU A 919 1.97 -27.39 -12.89
N GLU A 920 2.47 -28.54 -13.36
CA GLU A 920 2.00 -29.87 -12.97
C GLU A 920 2.35 -30.25 -11.54
N ASP A 921 3.56 -29.90 -11.07
CA ASP A 921 4.00 -30.12 -9.69
C ASP A 921 3.16 -29.22 -8.76
N ALA A 922 2.93 -27.97 -9.22
CA ALA A 922 2.16 -26.91 -8.57
C ALA A 922 0.69 -27.28 -8.38
N LYS A 923 -0.06 -27.51 -9.50
CA LYS A 923 -1.49 -27.87 -9.49
C LYS A 923 -1.78 -29.00 -8.49
N LYS A 924 -0.91 -30.04 -8.46
CA LYS A 924 -0.98 -31.19 -7.53
C LYS A 924 -0.86 -30.69 -6.09
N TYR A 925 0.15 -29.83 -5.81
CA TYR A 925 0.44 -29.24 -4.50
C TYR A 925 -0.78 -28.51 -3.93
N PHE A 926 -1.50 -27.74 -4.78
CA PHE A 926 -2.69 -27.00 -4.36
C PHE A 926 -3.85 -27.91 -3.97
N LEU A 927 -4.20 -28.90 -4.82
CA LEU A 927 -5.29 -29.85 -4.55
C LEU A 927 -5.08 -30.62 -3.25
N ASP A 928 -3.81 -30.97 -2.95
CA ASP A 928 -3.42 -31.62 -1.70
C ASP A 928 -3.58 -30.62 -0.56
N GLN A 929 -3.26 -29.33 -0.82
CA GLN A 929 -3.45 -28.24 0.13
C GLN A 929 -4.93 -28.13 0.48
N ILE A 930 -5.81 -28.33 -0.54
CA ILE A 930 -7.27 -28.35 -0.38
C ILE A 930 -7.65 -29.55 0.51
N GLU A 931 -7.01 -30.73 0.28
CA GLU A 931 -7.26 -31.97 1.03
C GLU A 931 -7.06 -31.83 2.53
N VAL A 932 -6.03 -31.06 2.96
CA VAL A 932 -5.76 -30.79 4.37
C VAL A 932 -7.06 -30.28 5.05
N CYS A 933 -7.94 -29.59 4.27
CA CYS A 933 -9.25 -29.09 4.71
C CYS A 933 -10.21 -30.27 4.87
N ARG A 934 -10.50 -31.01 3.76
CA ARG A 934 -11.38 -32.20 3.72
C ARG A 934 -11.05 -33.17 4.86
N ASP A 935 -9.75 -33.27 5.20
CA ASP A 935 -9.20 -34.11 6.26
C ASP A 935 -9.38 -33.50 7.65
N LYS A 936 -9.29 -32.15 7.79
CA LYS A 936 -9.44 -31.45 9.07
C LYS A 936 -10.89 -31.13 9.46
N GLY A 937 -11.77 -31.01 8.47
CA GLY A 937 -13.20 -30.73 8.64
C GLY A 937 -13.54 -29.54 9.51
N TRP A 938 -13.65 -29.77 10.82
CA TRP A 938 -14.00 -28.74 11.81
C TRP A 938 -12.99 -28.60 12.92
N THR A 939 -11.93 -29.43 12.95
CA THR A 939 -10.89 -29.41 14.00
C THR A 939 -10.43 -27.99 14.23
N VAL A 940 -9.88 -27.36 13.18
CA VAL A 940 -9.33 -26.00 13.15
C VAL A 940 -10.30 -24.95 13.67
N GLN A 941 -11.51 -24.91 13.09
CA GLN A 941 -12.58 -23.99 13.47
C GLN A 941 -12.96 -24.17 14.91
N PHE A 942 -13.22 -25.44 15.30
CA PHE A 942 -13.52 -25.83 16.66
C PHE A 942 -12.37 -25.48 17.61
N ASN A 943 -11.11 -25.59 17.13
CA ASN A 943 -9.90 -25.23 17.87
C ASN A 943 -9.83 -23.72 18.11
N TRP A 944 -10.12 -22.90 17.06
CA TRP A 944 -10.17 -21.44 17.16
C TRP A 944 -11.26 -21.07 18.12
N PHE A 945 -12.39 -21.79 18.08
CA PHE A 945 -13.52 -21.63 19.00
C PHE A 945 -13.02 -21.90 20.42
N LEU A 946 -12.38 -23.07 20.62
CA LEU A 946 -11.77 -23.46 21.90
C LEU A 946 -10.77 -22.45 22.50
N HIS A 947 -10.08 -21.63 21.62
CA HIS A 947 -9.07 -20.51 21.81
C HIS A 947 -9.71 -19.13 21.83
N LEU A 948 -10.17 -18.65 20.68
CA LEU A 948 -10.74 -17.33 20.47
C LEU A 948 -11.98 -16.89 21.22
N VAL A 949 -12.58 -17.79 22.01
CA VAL A 949 -13.81 -17.47 22.73
C VAL A 949 -13.81 -17.97 24.16
N LEU A 950 -12.83 -18.80 24.49
CA LEU A 950 -12.69 -19.36 25.82
C LEU A 950 -11.22 -19.31 26.18
N GLY A 951 -10.43 -18.58 25.38
CA GLY A 951 -9.00 -18.47 25.58
C GLY A 951 -8.33 -19.82 25.40
C1 3PS B . -15.16 -4.83 5.92
N2 3PS B . -17.49 -5.09 6.29
C3 3PS B . -18.48 -5.33 7.15
N4 3PS B . -19.78 -5.37 6.66
C5 3PS B . -18.21 -5.53 8.50
C6 3PS B . -16.89 -5.49 8.93
C7 3PS B . -16.63 -5.69 10.28
N8 3PS B . -15.90 -5.27 8.09
C9 3PS B . -16.27 -5.07 6.82
C10 3PS B . -18.96 -5.97 10.72
C11 3PS B . -17.64 -5.93 11.17
C12 3PS B . -19.24 -5.76 9.38
C13 3PS B . -15.23 -5.63 10.81
O14 3PS B . -15.08 -5.73 12.01
N15 3PS B . -14.22 -5.44 9.87
C16 3PS B . -12.89 -5.14 10.12
C17 3PS B . -11.88 -5.31 9.08
N18 3PS B . -10.54 -5.02 9.36
C19 3PS B . -10.20 -4.62 10.55
C20 3PS B . -11.04 -4.39 11.56
C21 3PS B . -12.42 -4.68 11.29
O22 3PS B . -8.91 -4.28 10.88
C23 3PS B . -8.19 -5.28 11.58
#